data_5XSI
#
_entry.id   5XSI
#
_cell.length_a   55.085
_cell.length_b   117.091
_cell.length_c   127.445
_cell.angle_alpha   90.00
_cell.angle_beta   90.00
_cell.angle_gamma   90.00
#
_symmetry.space_group_name_H-M   'P 21 21 21'
#
loop_
_entity.id
_entity.type
_entity.pdbx_description
1 polymer 'Phosphodiesterase acting on cyclic dinucleotides'
2 non-polymer 'MANGANESE (II) ION'
3 water water
#
_entity_poly.entity_id   1
_entity_poly.type   'polypeptide(L)'
_entity_poly.pdbx_seq_one_letter_code
;GSMRTRVRARVISHALKDILAEGDKVIIMGHKRPDLDAIGAAIGVSRFAMMNNLEAYIVLNETDIDPTLRRVMNEIDKKP
ELRERFITSDDAWDMMTSKTTVVIVDTHKPELVLDENVLNKANRKVVIDHHRRGESFISNPLLIYMEPYASSTAELVTEL
LEYQPTEQRLTRLESTVMYAGIIVDTRNFTLRTGSRTFDAASYLRAHGADTILTQHFLKDDVDTYINRSELIRTVKVEDN
GIAIAHGSDDKIYHPVTVAQAADELLSLEGIEASYVVARREDNLIGISARSLGSVNVQLTMEALGGGGHLTNAATQLKGV
TVEEAIAQLQQAITEQLSRSEDA
;
_entity_poly.pdbx_strand_id   A,B
#
loop_
_chem_comp.id
_chem_comp.type
_chem_comp.name
_chem_comp.formula
MN non-polymer 'MANGANESE (II) ION' 'Mn 2'
#
# COMPACT_ATOMS: atom_id res chain seq x y z
N VAL A 7 -20.73 16.19 -4.50
CA VAL A 7 -22.04 16.85 -4.69
C VAL A 7 -23.24 16.05 -4.17
N ARG A 8 -23.44 14.87 -4.77
CA ARG A 8 -24.34 13.93 -4.14
C ARG A 8 -23.96 13.77 -2.67
N ALA A 9 -22.66 13.90 -2.33
CA ALA A 9 -22.20 13.73 -0.95
C ALA A 9 -22.74 14.80 -0.01
N ARG A 10 -22.77 16.07 -0.45
CA ARG A 10 -23.23 17.14 0.44
C ARG A 10 -24.71 16.99 0.77
N VAL A 11 -25.49 16.67 -0.25
CA VAL A 11 -26.94 16.56 -0.10
C VAL A 11 -27.30 15.35 0.77
N ILE A 12 -26.72 14.21 0.48
CA ILE A 12 -26.87 13.05 1.32
C ILE A 12 -26.46 13.30 2.77
N SER A 13 -25.40 14.04 3.00
CA SER A 13 -24.94 14.26 4.39
C SER A 13 -25.96 15.09 5.20
N HIS A 14 -26.53 16.12 4.59
CA HIS A 14 -27.53 16.90 5.30
C HIS A 14 -28.86 16.16 5.37
N ALA A 15 -29.22 15.40 4.32
CA ALA A 15 -30.43 14.59 4.42
C ALA A 15 -30.29 13.52 5.50
N LEU A 16 -29.11 12.90 5.64
CA LEU A 16 -28.89 11.91 6.73
C LEU A 16 -29.02 12.55 8.12
N LYS A 17 -28.39 13.70 8.30
CA LYS A 17 -28.49 14.34 9.61
C LYS A 17 -29.96 14.62 9.97
N ASP A 18 -30.78 15.02 8.99
CA ASP A 18 -32.20 15.28 9.30
C ASP A 18 -32.91 13.99 9.76
N ILE A 19 -32.75 12.89 9.03
CA ILE A 19 -33.38 11.61 9.37
C ILE A 19 -32.96 11.15 10.77
N LEU A 20 -31.65 11.26 11.08
CA LEU A 20 -31.12 10.74 12.35
C LEU A 20 -31.58 11.59 13.53
N ALA A 21 -31.59 12.93 13.38
CA ALA A 21 -32.08 13.79 14.46
C ALA A 21 -33.60 13.69 14.67
N GLU A 22 -34.34 13.27 13.66
CA GLU A 22 -35.78 13.14 13.73
C GLU A 22 -36.26 11.91 14.50
N GLY A 23 -35.44 10.89 14.60
CA GLY A 23 -35.78 9.70 15.36
C GLY A 23 -35.30 9.86 16.77
N ASP A 24 -35.53 8.88 17.63
CA ASP A 24 -35.13 9.01 19.04
C ASP A 24 -33.69 8.55 19.33
N LYS A 25 -33.07 7.78 18.45
CA LYS A 25 -31.67 7.33 18.59
C LYS A 25 -31.35 6.54 17.34
N VAL A 26 -30.07 6.16 17.21
CA VAL A 26 -29.48 5.52 16.03
C VAL A 26 -28.89 4.17 16.41
N ILE A 27 -29.26 3.13 15.66
CA ILE A 27 -28.71 1.79 15.83
C ILE A 27 -28.03 1.48 14.53
N ILE A 28 -26.76 1.06 14.57
CA ILE A 28 -26.01 0.82 13.35
C ILE A 28 -25.62 -0.65 13.25
N MET A 29 -25.75 -1.22 12.05
CA MET A 29 -25.41 -2.60 11.77
C MET A 29 -24.76 -2.72 10.42
N GLY A 30 -23.71 -3.54 10.37
CA GLY A 30 -23.16 -4.05 9.13
C GLY A 30 -23.65 -5.44 8.84
N HIS A 31 -22.82 -6.21 8.13
CA HIS A 31 -23.19 -7.54 7.72
C HIS A 31 -22.67 -8.59 8.73
N LYS A 32 -23.13 -9.82 8.56
CA LYS A 32 -22.65 -10.93 9.40
C LYS A 32 -21.17 -11.18 9.15
N ARG A 33 -20.47 -11.52 10.22
CA ARG A 33 -19.06 -11.73 10.20
C ARG A 33 -18.32 -10.49 9.68
N PRO A 34 -18.40 -9.41 10.42
CA PRO A 34 -18.09 -8.11 9.83
C PRO A 34 -16.59 -7.96 9.61
N ASP A 35 -16.20 -7.34 8.52
CA ASP A 35 -14.80 -7.03 8.27
C ASP A 35 -14.50 -5.61 8.72
N LEU A 36 -13.29 -5.11 8.48
CA LEU A 36 -12.91 -3.80 9.01
C LEU A 36 -13.65 -2.68 8.28
N ASP A 37 -14.06 -2.85 7.04
CA ASP A 37 -14.83 -1.78 6.38
C ASP A 37 -16.24 -1.65 6.99
N ALA A 38 -16.89 -2.78 7.26
CA ALA A 38 -18.16 -2.75 7.99
C ALA A 38 -18.00 -2.08 9.37
N ILE A 39 -16.96 -2.45 10.12
CA ILE A 39 -16.84 -1.89 11.46
C ILE A 39 -16.41 -0.41 11.38
N GLY A 40 -15.49 -0.08 10.48
CA GLY A 40 -15.06 1.32 10.37
C GLY A 40 -16.18 2.20 9.87
N ALA A 41 -16.90 1.75 8.84
CA ALA A 41 -18.06 2.52 8.39
C ALA A 41 -19.06 2.72 9.54
N ALA A 42 -19.30 1.68 10.38
CA ALA A 42 -20.25 1.86 11.47
C ALA A 42 -19.71 2.85 12.50
N ILE A 43 -18.42 2.74 12.81
CA ILE A 43 -17.81 3.71 13.68
C ILE A 43 -17.99 5.13 13.11
N GLY A 44 -17.72 5.29 11.81
CA GLY A 44 -17.89 6.60 11.20
C GLY A 44 -19.32 7.12 11.36
N VAL A 45 -20.34 6.27 11.13
CA VAL A 45 -21.74 6.71 11.26
C VAL A 45 -22.04 7.13 12.70
N SER A 46 -21.48 6.41 13.67
CA SER A 46 -21.76 6.80 15.02
C SER A 46 -21.05 8.11 15.35
N ARG A 47 -19.86 8.38 14.78
CA ARG A 47 -19.30 9.71 15.01
C ARG A 47 -20.15 10.77 14.31
N PHE A 48 -20.67 10.48 13.12
CA PHE A 48 -21.61 11.38 12.44
C PHE A 48 -22.77 11.75 13.36
N ALA A 49 -23.34 10.76 14.06
CA ALA A 49 -24.39 11.02 15.05
C ALA A 49 -23.87 11.91 16.17
N MET A 50 -22.70 11.58 16.74
CA MET A 50 -22.22 12.35 17.89
C MET A 50 -21.83 13.80 17.51
N MET A 51 -21.40 14.04 16.25
CA MET A 51 -21.09 15.42 15.80
C MET A 51 -22.31 16.30 15.89
N ASN A 52 -23.50 15.67 15.89
CA ASN A 52 -24.77 16.32 16.04
C ASN A 52 -25.44 16.03 17.36
N ASN A 53 -24.69 15.60 18.38
CA ASN A 53 -25.21 15.29 19.72
C ASN A 53 -26.39 14.30 19.70
N LEU A 54 -26.44 13.44 18.69
CA LEU A 54 -27.39 12.34 18.74
C LEU A 54 -26.79 11.12 19.44
N GLU A 55 -27.64 10.19 19.83
CA GLU A 55 -27.26 9.04 20.64
C GLU A 55 -27.17 7.86 19.66
N ALA A 56 -26.05 7.14 19.65
CA ALA A 56 -25.88 6.10 18.61
C ALA A 56 -25.18 4.87 19.16
N TYR A 57 -25.50 3.69 18.62
CA TYR A 57 -24.84 2.46 19.07
C TYR A 57 -24.60 1.58 17.87
N ILE A 58 -23.63 0.69 18.01
CA ILE A 58 -23.29 -0.26 16.96
C ILE A 58 -23.56 -1.68 17.47
N VAL A 59 -24.24 -2.50 16.64
CA VAL A 59 -24.58 -3.85 17.08
C VAL A 59 -23.38 -4.76 16.79
N LEU A 60 -22.92 -5.42 17.85
CA LEU A 60 -21.85 -6.41 17.75
C LEU A 60 -22.00 -7.46 18.87
N ASN A 61 -22.11 -8.75 18.51
CA ASN A 61 -22.08 -9.88 19.45
C ASN A 61 -20.69 -10.54 19.47
N GLU A 62 -20.36 -11.18 20.61
CA GLU A 62 -19.06 -11.83 20.77
C GLU A 62 -18.78 -12.85 19.67
N THR A 63 -19.81 -13.55 19.23
CA THR A 63 -19.69 -14.54 18.18
C THR A 63 -19.46 -13.94 16.81
N ASP A 64 -19.74 -12.63 16.64
CA ASP A 64 -19.40 -11.89 15.41
C ASP A 64 -17.92 -11.50 15.30
N ILE A 65 -17.08 -11.72 16.33
CA ILE A 65 -15.75 -11.13 16.37
C ILE A 65 -14.70 -12.15 15.89
N ASP A 66 -14.29 -12.05 14.64
CA ASP A 66 -13.23 -12.93 14.16
C ASP A 66 -11.84 -12.51 14.68
N PRO A 67 -10.76 -13.28 14.39
CA PRO A 67 -9.45 -12.89 14.95
C PRO A 67 -8.95 -11.50 14.52
N THR A 68 -9.20 -11.06 13.30
CA THR A 68 -8.82 -9.70 12.91
C THR A 68 -9.59 -8.66 13.73
N LEU A 69 -10.92 -8.82 13.81
CA LEU A 69 -11.71 -7.88 14.58
C LEU A 69 -11.29 -7.90 16.03
N ARG A 70 -10.81 -9.05 16.53
CA ARG A 70 -10.50 -9.15 17.94
C ARG A 70 -9.29 -8.29 18.28
N ARG A 71 -8.31 -8.20 17.35
CA ARG A 71 -7.19 -7.31 17.57
C ARG A 71 -7.66 -5.86 17.65
N VAL A 72 -8.64 -5.47 16.83
CA VAL A 72 -9.21 -4.12 16.90
C VAL A 72 -9.90 -3.86 18.24
N MET A 73 -10.79 -4.79 18.67
CA MET A 73 -11.49 -4.65 19.95
C MET A 73 -10.53 -4.63 21.13
N ASN A 74 -9.41 -5.38 21.06
CA ASN A 74 -8.43 -5.33 22.15
C ASN A 74 -7.82 -3.94 22.26
N GLU A 75 -7.51 -3.34 21.13
CA GLU A 75 -6.97 -1.99 21.13
C GLU A 75 -8.02 -1.01 21.60
N ILE A 76 -9.25 -1.15 21.13
CA ILE A 76 -10.35 -0.34 21.64
C ILE A 76 -10.51 -0.55 23.16
N ASP A 77 -10.40 -1.74 23.70
CA ASP A 77 -10.58 -1.77 25.18
C ASP A 77 -9.44 -1.07 25.90
N LYS A 78 -8.22 -1.27 25.47
CA LYS A 78 -7.05 -0.79 26.17
C LYS A 78 -6.83 0.71 26.09
N LYS A 79 -7.31 1.35 25.05
CA LYS A 79 -6.91 2.68 24.73
C LYS A 79 -7.98 3.72 24.41
N PRO A 80 -9.26 3.41 24.45
CA PRO A 80 -10.26 4.45 24.43
C PRO A 80 -11.44 4.07 25.20
N GLU A 81 -12.54 4.69 24.87
CA GLU A 81 -13.82 4.31 25.39
C GLU A 81 -14.81 4.04 24.32
N LEU A 82 -14.33 3.65 23.17
CA LEU A 82 -15.20 3.30 22.06
C LEU A 82 -16.07 2.14 22.36
N ARG A 83 -15.65 1.32 23.29
CA ARG A 83 -16.34 0.08 23.60
C ARG A 83 -17.80 0.34 24.04
N GLU A 84 -18.04 1.36 24.83
CA GLU A 84 -19.39 1.62 25.28
C GLU A 84 -20.41 1.87 24.20
N ARG A 85 -19.98 2.17 22.99
CA ARG A 85 -20.94 2.36 21.94
C ARG A 85 -21.31 1.05 21.23
N PHE A 86 -20.67 -0.06 21.58
CA PHE A 86 -20.95 -1.37 21.01
C PHE A 86 -21.97 -2.12 21.90
N ILE A 87 -23.04 -2.66 21.32
CA ILE A 87 -24.07 -3.37 22.11
C ILE A 87 -24.43 -4.68 21.41
N THR A 88 -24.90 -5.67 22.23
CA THR A 88 -25.41 -6.95 21.73
C THR A 88 -26.75 -6.76 20.99
N SER A 89 -27.06 -7.73 20.10
CA SER A 89 -28.37 -7.83 19.43
C SER A 89 -29.53 -7.64 20.41
N ASP A 90 -29.45 -8.29 21.58
CA ASP A 90 -30.54 -8.25 22.54
C ASP A 90 -30.71 -6.87 23.09
N ASP A 91 -29.59 -6.21 23.42
CA ASP A 91 -29.70 -4.88 24.00
C ASP A 91 -30.22 -3.89 22.99
N ALA A 92 -29.86 -4.11 21.71
CA ALA A 92 -30.39 -3.29 20.63
C ALA A 92 -31.91 -3.46 20.51
N TRP A 93 -32.35 -4.70 20.50
CA TRP A 93 -33.75 -5.02 20.52
C TRP A 93 -34.45 -4.37 21.66
N ASP A 94 -33.96 -4.52 22.86
CA ASP A 94 -34.64 -3.94 24.00
C ASP A 94 -34.77 -2.42 23.90
N MET A 95 -33.96 -1.77 23.07
CA MET A 95 -33.79 -0.32 23.09
C MET A 95 -34.58 0.37 22.00
N MET A 96 -34.87 -0.32 20.92
CA MET A 96 -35.49 0.31 19.76
C MET A 96 -36.95 0.58 20.06
N THR A 97 -37.45 1.70 19.52
CA THR A 97 -38.85 2.03 19.36
C THR A 97 -39.11 2.26 17.87
N SER A 98 -40.39 2.42 17.52
CA SER A 98 -40.78 2.82 16.18
C SER A 98 -40.14 4.14 15.72
N LYS A 99 -39.59 4.96 16.62
CA LYS A 99 -38.83 6.16 16.25
C LYS A 99 -37.30 5.94 16.17
N THR A 100 -36.82 4.71 16.37
CA THR A 100 -35.39 4.45 16.26
C THR A 100 -34.99 4.32 14.79
N THR A 101 -33.90 5.00 14.39
CA THR A 101 -33.37 4.78 13.05
C THR A 101 -32.28 3.71 13.06
N VAL A 102 -32.42 2.70 12.22
CA VAL A 102 -31.41 1.68 12.00
C VAL A 102 -30.67 2.05 10.72
N VAL A 103 -29.35 2.18 10.81
CA VAL A 103 -28.51 2.40 9.64
C VAL A 103 -27.77 1.10 9.34
N ILE A 104 -27.99 0.60 8.13
CA ILE A 104 -27.27 -0.54 7.58
C ILE A 104 -26.05 -0.04 6.81
N VAL A 105 -24.85 -0.54 7.16
CA VAL A 105 -23.61 -0.14 6.47
C VAL A 105 -22.98 -1.36 5.79
N ASP A 106 -22.52 -1.15 4.56
CA ASP A 106 -21.62 -2.08 3.86
C ASP A 106 -22.30 -3.38 3.44
N THR A 107 -23.63 -3.39 3.44
CA THR A 107 -24.39 -4.45 2.83
C THR A 107 -25.74 -3.81 2.53
N HIS A 108 -26.49 -4.44 1.63
CA HIS A 108 -27.86 -4.00 1.38
C HIS A 108 -28.84 -5.18 1.33
N LYS A 109 -28.40 -6.42 1.62
CA LYS A 109 -29.27 -7.59 1.58
C LYS A 109 -29.79 -7.96 2.98
N PRO A 110 -31.11 -8.03 3.18
CA PRO A 110 -31.64 -8.30 4.54
C PRO A 110 -31.04 -9.55 5.18
N GLU A 111 -30.86 -10.62 4.42
CA GLU A 111 -30.42 -11.85 5.04
C GLU A 111 -28.93 -11.84 5.35
N LEU A 112 -28.19 -10.80 4.95
CA LEU A 112 -26.79 -10.67 5.33
C LEU A 112 -26.60 -9.66 6.45
N VAL A 113 -27.67 -9.01 6.86
CA VAL A 113 -27.54 -8.03 7.90
C VAL A 113 -27.16 -8.76 9.18
N LEU A 114 -26.43 -8.07 10.06
CA LEU A 114 -25.84 -8.76 11.21
C LEU A 114 -26.92 -9.41 12.10
N ASP A 115 -27.98 -8.68 12.40
CA ASP A 115 -29.13 -9.26 13.12
C ASP A 115 -30.41 -8.92 12.38
N GLU A 116 -30.98 -9.92 11.68
CA GLU A 116 -32.15 -9.61 10.86
C GLU A 116 -33.40 -9.30 11.72
N ASN A 117 -33.47 -9.78 12.96
CA ASN A 117 -34.58 -9.41 13.83
C ASN A 117 -34.57 -7.94 14.18
N VAL A 118 -33.37 -7.37 14.43
CA VAL A 118 -33.27 -5.94 14.71
C VAL A 118 -33.72 -5.16 13.49
N LEU A 119 -33.35 -5.66 12.32
CA LEU A 119 -33.69 -5.02 11.07
C LEU A 119 -35.21 -4.99 10.89
N ASN A 120 -35.88 -6.14 11.11
CA ASN A 120 -37.33 -6.27 10.95
C ASN A 120 -38.10 -5.44 11.96
N LYS A 121 -37.58 -5.25 13.17
CA LYS A 121 -38.23 -4.35 14.12
C LYS A 121 -38.17 -2.88 13.70
N ALA A 122 -37.10 -2.44 13.01
CA ALA A 122 -36.96 -1.05 12.61
C ALA A 122 -38.07 -0.65 11.64
N ASN A 123 -38.74 0.42 11.99
CA ASN A 123 -39.60 1.15 11.10
C ASN A 123 -38.84 2.20 10.24
N ARG A 124 -37.80 2.80 10.77
CA ARG A 124 -36.94 3.73 10.01
C ARG A 124 -35.58 3.14 9.68
N LYS A 125 -35.27 3.01 8.37
CA LYS A 125 -34.03 2.41 7.88
C LYS A 125 -33.25 3.33 6.93
N VAL A 126 -31.92 3.20 6.95
CA VAL A 126 -31.00 3.85 6.00
C VAL A 126 -30.00 2.81 5.54
N VAL A 127 -29.66 2.87 4.27
CA VAL A 127 -28.69 1.95 3.69
C VAL A 127 -27.52 2.77 3.11
N ILE A 128 -26.28 2.41 3.50
CA ILE A 128 -25.09 2.96 2.86
C ILE A 128 -24.20 1.80 2.44
N ASP A 129 -23.87 1.75 1.15
CA ASP A 129 -23.16 0.59 0.62
C ASP A 129 -22.45 0.96 -0.66
N HIS A 130 -21.44 0.18 -1.03
CA HIS A 130 -20.67 0.44 -2.25
C HIS A 130 -20.74 -0.76 -3.20
N HIS A 131 -21.62 -1.73 -2.93
CA HIS A 131 -21.71 -2.90 -3.79
C HIS A 131 -22.79 -2.66 -4.86
N ARG A 132 -22.81 -3.52 -5.86
CA ARG A 132 -23.82 -3.39 -6.90
C ARG A 132 -25.15 -3.96 -6.47
N ARG A 133 -26.19 -3.17 -6.62
CA ARG A 133 -27.48 -3.57 -6.08
C ARG A 133 -27.97 -4.88 -6.72
N GLY A 134 -28.65 -5.70 -5.92
CA GLY A 134 -29.01 -7.01 -6.40
C GLY A 134 -30.46 -7.36 -6.22
N GLU A 135 -30.76 -8.65 -6.20
CA GLU A 135 -32.14 -9.06 -6.15
C GLU A 135 -32.83 -8.59 -4.88
N SER A 136 -32.37 -9.05 -3.71
CA SER A 136 -32.99 -8.61 -2.46
C SER A 136 -32.38 -7.28 -2.02
N PHE A 137 -33.18 -6.53 -1.25
CA PHE A 137 -32.79 -5.20 -0.86
C PHE A 137 -33.56 -4.84 0.39
N ILE A 138 -33.03 -3.93 1.17
CA ILE A 138 -33.65 -3.52 2.42
C ILE A 138 -35.00 -2.96 2.13
N SER A 139 -35.96 -3.22 2.99
CA SER A 139 -37.34 -2.78 2.78
C SER A 139 -37.60 -1.37 3.12
N ASN A 140 -38.13 -0.63 2.16
CA ASN A 140 -38.68 0.68 2.42
C ASN A 140 -37.77 1.65 3.21
N PRO A 141 -36.55 1.85 2.74
CA PRO A 141 -35.64 2.76 3.46
C PRO A 141 -36.04 4.21 3.27
N LEU A 142 -35.78 5.01 4.31
CA LEU A 142 -35.91 6.46 4.18
C LEU A 142 -34.81 7.06 3.34
N LEU A 143 -33.65 6.41 3.19
CA LEU A 143 -32.56 7.00 2.42
C LEU A 143 -31.66 5.88 1.96
N ILE A 144 -31.30 5.93 0.69
CA ILE A 144 -30.43 4.95 0.06
C ILE A 144 -29.24 5.71 -0.50
N TYR A 145 -28.03 5.28 -0.14
CA TYR A 145 -26.76 5.85 -0.62
C TYR A 145 -25.91 4.68 -1.13
N MET A 146 -26.11 4.31 -2.38
CA MET A 146 -25.41 3.23 -3.06
C MET A 146 -24.49 3.84 -4.07
N GLU A 147 -23.19 3.55 -3.96
CA GLU A 147 -22.17 4.10 -4.87
C GLU A 147 -21.27 2.96 -5.27
N PRO A 148 -21.61 2.25 -6.35
CA PRO A 148 -20.86 1.05 -6.72
C PRO A 148 -19.42 1.32 -7.15
N TYR A 149 -19.04 2.53 -7.47
CA TYR A 149 -17.66 2.72 -7.84
C TYR A 149 -16.74 3.24 -6.73
N ALA A 150 -17.28 3.51 -5.55
CA ALA A 150 -16.47 3.89 -4.40
C ALA A 150 -15.63 2.70 -3.92
N SER A 151 -14.51 2.99 -3.25
CA SER A 151 -13.66 1.88 -2.73
C SER A 151 -14.35 1.05 -1.66
N SER A 152 -15.23 1.64 -0.85
CA SER A 152 -15.50 1.05 0.46
C SER A 152 -16.61 1.87 1.09
N THR A 153 -17.31 1.26 2.05
CA THR A 153 -18.28 2.07 2.76
C THR A 153 -17.57 3.10 3.62
N ALA A 154 -16.35 2.78 4.11
CA ALA A 154 -15.59 3.76 4.90
C ALA A 154 -15.33 5.05 4.10
N GLU A 155 -14.98 4.88 2.82
CA GLU A 155 -14.78 6.05 1.96
C GLU A 155 -16.06 6.87 1.87
N LEU A 156 -17.19 6.20 1.63
CA LEU A 156 -18.49 6.91 1.52
C LEU A 156 -18.83 7.68 2.80
N VAL A 157 -18.61 7.05 3.97
CA VAL A 157 -19.02 7.67 5.23
C VAL A 157 -18.09 8.84 5.55
N THR A 158 -16.78 8.69 5.28
CA THR A 158 -15.82 9.77 5.48
C THR A 158 -16.25 11.06 4.76
N GLU A 159 -16.67 10.96 3.49
CA GLU A 159 -17.18 12.12 2.77
C GLU A 159 -18.39 12.75 3.46
N LEU A 160 -19.27 11.93 4.06
CA LEU A 160 -20.44 12.54 4.72
C LEU A 160 -20.01 13.34 5.93
N LEU A 161 -18.92 12.90 6.61
CA LEU A 161 -18.56 13.56 7.85
C LEU A 161 -18.06 14.97 7.57
N GLU A 162 -17.50 15.21 6.37
CA GLU A 162 -16.88 16.49 6.06
C GLU A 162 -17.85 17.67 6.11
N TYR A 163 -19.16 17.43 6.00
CA TYR A 163 -20.14 18.49 5.94
C TYR A 163 -20.72 18.80 7.28
N GLN A 164 -20.34 18.05 8.37
CA GLN A 164 -21.01 18.06 9.66
C GLN A 164 -20.24 18.96 10.60
N PRO A 165 -20.88 19.51 11.64
CA PRO A 165 -20.14 20.38 12.59
C PRO A 165 -18.90 19.65 13.12
N THR A 166 -17.91 20.42 13.53
CA THR A 166 -16.58 19.90 13.77
C THR A 166 -16.10 19.98 15.21
N GLU A 167 -16.89 20.50 16.14
CA GLU A 167 -16.52 20.47 17.56
C GLU A 167 -16.25 19.03 18.09
N GLN A 168 -17.13 18.07 17.83
CA GLN A 168 -16.98 16.70 18.34
C GLN A 168 -16.27 15.86 17.27
N ARG A 169 -14.98 16.09 17.14
CA ARG A 169 -14.15 15.55 16.09
C ARG A 169 -13.90 14.03 16.10
N LEU A 170 -13.76 13.48 14.90
CA LEU A 170 -13.34 12.10 14.76
C LEU A 170 -12.06 11.84 15.55
N THR A 171 -12.02 10.78 16.39
CA THR A 171 -10.79 10.57 17.16
C THR A 171 -9.73 9.80 16.36
N ARG A 172 -8.50 9.75 16.90
CA ARG A 172 -7.39 9.05 16.27
C ARG A 172 -7.72 7.58 16.00
N LEU A 173 -8.23 6.86 17.01
CA LEU A 173 -8.50 5.42 16.85
C LEU A 173 -9.73 5.19 15.97
N GLU A 174 -10.78 6.01 16.09
CA GLU A 174 -11.91 5.97 15.15
C GLU A 174 -11.44 6.10 13.70
N SER A 175 -10.53 7.05 13.44
CA SER A 175 -10.08 7.24 12.07
C SER A 175 -9.16 6.11 11.64
N THR A 176 -8.40 5.53 12.57
CA THR A 176 -7.57 4.38 12.21
C THR A 176 -8.40 3.22 11.71
N VAL A 177 -9.52 2.91 12.40
CA VAL A 177 -10.30 1.74 11.99
C VAL A 177 -11.00 2.03 10.68
N MET A 178 -11.51 3.26 10.52
CA MET A 178 -12.05 3.63 9.21
C MET A 178 -11.00 3.47 8.13
N TYR A 179 -9.79 3.92 8.43
CA TYR A 179 -8.70 3.82 7.47
C TYR A 179 -8.35 2.36 7.18
N ALA A 180 -8.37 1.49 8.21
CA ALA A 180 -8.08 0.08 8.00
C ALA A 180 -9.09 -0.57 7.04
N GLY A 181 -10.35 -0.12 7.07
CA GLY A 181 -11.34 -0.70 6.18
C GLY A 181 -11.14 -0.28 4.75
N ILE A 182 -10.67 0.96 4.54
CA ILE A 182 -10.20 1.30 3.19
C ILE A 182 -9.03 0.41 2.76
N ILE A 183 -8.00 0.29 3.61
CA ILE A 183 -6.85 -0.55 3.27
C ILE A 183 -7.29 -1.97 2.86
N VAL A 184 -8.15 -2.63 3.66
CA VAL A 184 -8.61 -3.99 3.30
C VAL A 184 -9.39 -3.97 1.98
N ASP A 185 -10.40 -3.11 1.88
CA ASP A 185 -11.19 -3.17 0.66
C ASP A 185 -10.39 -2.83 -0.61
N THR A 186 -9.31 -2.02 -0.52
CA THR A 186 -8.53 -1.63 -1.71
C THR A 186 -7.26 -2.47 -1.92
N ARG A 187 -6.97 -3.41 -1.04
CA ARG A 187 -5.67 -4.07 -0.99
C ARG A 187 -4.56 -3.03 -1.06
N ASN A 188 -4.58 -2.11 -0.07
CA ASN A 188 -3.58 -1.04 0.05
C ASN A 188 -3.53 -0.17 -1.20
N PHE A 189 -4.68 0.29 -1.62
CA PHE A 189 -4.77 1.28 -2.71
C PHE A 189 -4.39 0.70 -4.06
N THR A 190 -4.56 -0.62 -4.28
CA THR A 190 -4.30 -1.18 -5.61
C THR A 190 -5.57 -1.53 -6.37
N LEU A 191 -6.72 -1.54 -5.72
CA LEU A 191 -7.99 -1.90 -6.35
C LEU A 191 -9.02 -0.86 -6.00
N ARG A 192 -9.87 -0.57 -6.96
CA ARG A 192 -10.98 0.35 -6.82
C ARG A 192 -10.63 1.63 -6.08
N THR A 193 -9.54 2.26 -6.44
CA THR A 193 -9.01 3.42 -5.73
C THR A 193 -9.06 4.58 -6.70
N GLY A 194 -9.92 5.56 -6.43
CA GLY A 194 -9.96 6.78 -7.17
C GLY A 194 -9.44 7.96 -6.36
N SER A 195 -9.45 9.12 -7.00
CA SER A 195 -9.01 10.31 -6.30
C SER A 195 -9.85 10.58 -5.05
N ARG A 196 -11.13 10.26 -5.10
CA ARG A 196 -11.94 10.41 -3.92
C ARG A 196 -11.56 9.46 -2.79
N THR A 197 -11.03 8.29 -3.11
CA THR A 197 -10.48 7.38 -2.11
C THR A 197 -9.30 8.02 -1.39
N PHE A 198 -8.39 8.61 -2.15
CA PHE A 198 -7.27 9.31 -1.56
C PHE A 198 -7.74 10.53 -0.78
N ASP A 199 -8.82 11.22 -1.25
CA ASP A 199 -9.35 12.35 -0.49
C ASP A 199 -9.86 11.90 0.87
N ALA A 200 -10.53 10.74 0.90
CA ALA A 200 -10.99 10.22 2.21
C ALA A 200 -9.78 9.81 3.10
N ALA A 201 -8.74 9.16 2.48
CA ALA A 201 -7.53 8.83 3.24
C ALA A 201 -6.86 10.09 3.81
N SER A 202 -6.90 11.19 3.07
CA SER A 202 -6.32 12.44 3.57
C SER A 202 -7.08 12.95 4.82
N TYR A 203 -8.41 13.00 4.74
CA TYR A 203 -9.23 13.39 5.88
C TYR A 203 -8.95 12.50 7.08
N LEU A 204 -8.86 11.18 6.86
CA LEU A 204 -8.65 10.28 8.01
C LEU A 204 -7.28 10.50 8.64
N ARG A 205 -6.24 10.63 7.78
CA ARG A 205 -4.87 10.79 8.28
C ARG A 205 -4.73 12.14 9.04
N ALA A 206 -5.38 13.20 8.54
CA ALA A 206 -5.43 14.47 9.23
C ALA A 206 -6.00 14.34 10.63
N HIS A 207 -6.95 13.42 10.85
CA HIS A 207 -7.49 13.14 12.19
C HIS A 207 -6.68 12.03 12.93
N GLY A 208 -5.46 11.75 12.51
CA GLY A 208 -4.64 10.85 13.33
C GLY A 208 -4.62 9.38 12.91
N ALA A 209 -5.25 9.01 11.79
CA ALA A 209 -5.27 7.59 11.42
C ALA A 209 -3.85 7.04 11.39
N ASP A 210 -3.66 5.95 12.08
CA ASP A 210 -2.33 5.44 12.33
C ASP A 210 -2.02 4.30 11.35
N THR A 211 -1.11 4.53 10.40
CA THR A 211 -0.85 3.51 9.38
C THR A 211 -0.11 2.32 9.97
N ILE A 212 0.60 2.51 11.08
CA ILE A 212 1.36 1.42 11.68
C ILE A 212 0.44 0.51 12.47
N LEU A 213 -0.47 1.10 13.25
CA LEU A 213 -1.47 0.29 13.94
C LEU A 213 -2.32 -0.48 12.93
N THR A 214 -2.62 0.13 11.78
CA THR A 214 -3.38 -0.54 10.72
C THR A 214 -2.63 -1.79 10.25
N GLN A 215 -1.34 -1.66 10.03
CA GLN A 215 -0.49 -2.79 9.69
C GLN A 215 -0.57 -3.88 10.73
N HIS A 216 -0.50 -3.50 11.98
CA HIS A 216 -0.57 -4.44 13.07
C HIS A 216 -1.86 -5.27 13.03
N PHE A 217 -3.00 -4.60 12.76
CA PHE A 217 -4.28 -5.32 12.69
C PHE A 217 -4.25 -6.40 11.62
N LEU A 218 -3.56 -6.15 10.50
CA LEU A 218 -3.62 -7.01 9.31
C LEU A 218 -2.49 -8.09 9.19
N LYS A 219 -1.63 -8.29 10.19
CA LYS A 219 -0.42 -9.07 9.94
C LYS A 219 -0.77 -10.55 9.70
N ASP A 220 -0.21 -11.19 8.70
CA ASP A 220 -0.45 -12.62 8.49
C ASP A 220 0.36 -13.44 9.44
N ASP A 221 0.01 -14.69 9.66
CA ASP A 221 0.89 -15.42 10.59
C ASP A 221 1.98 -16.23 9.84
N VAL A 222 2.96 -16.66 10.63
CA VAL A 222 4.18 -17.30 10.09
C VAL A 222 3.83 -18.55 9.29
N ASP A 223 2.90 -19.37 9.79
CA ASP A 223 2.57 -20.61 9.10
C ASP A 223 1.96 -20.31 7.75
N THR A 224 1.20 -19.24 7.68
CA THR A 224 0.60 -18.95 6.40
C THR A 224 1.64 -18.50 5.42
N TYR A 225 2.60 -17.66 5.87
CA TYR A 225 3.67 -17.26 4.96
C TYR A 225 4.41 -18.50 4.44
N ILE A 226 4.69 -19.45 5.32
CA ILE A 226 5.52 -20.58 4.95
C ILE A 226 4.79 -21.48 3.96
N ASN A 227 3.54 -21.87 4.29
CA ASN A 227 2.75 -22.69 3.36
C ASN A 227 2.60 -22.01 2.02
N ARG A 228 2.28 -20.71 2.05
CA ARG A 228 2.13 -19.96 0.81
C ARG A 228 3.42 -19.97 -0.02
N SER A 229 4.58 -19.79 0.63
CA SER A 229 5.83 -19.75 -0.16
C SER A 229 6.22 -21.15 -0.68
N GLU A 230 5.80 -22.23 -0.01
CA GLU A 230 5.94 -23.58 -0.56
C GLU A 230 5.29 -23.69 -1.92
N LEU A 231 4.14 -23.04 -2.11
CA LEU A 231 3.47 -23.07 -3.41
C LEU A 231 4.19 -22.17 -4.41
N ILE A 232 4.55 -20.94 -3.97
CA ILE A 232 5.15 -19.94 -4.86
C ILE A 232 6.46 -20.45 -5.43
N ARG A 233 7.22 -21.21 -4.66
CA ARG A 233 8.54 -21.59 -5.13
C ARG A 233 8.48 -22.54 -6.33
N THR A 234 7.35 -23.21 -6.60
CA THR A 234 7.27 -24.13 -7.74
C THR A 234 6.95 -23.41 -9.06
N VAL A 235 6.76 -22.10 -9.05
CA VAL A 235 6.12 -21.48 -10.21
C VAL A 235 6.99 -21.64 -11.45
N LYS A 236 6.35 -21.89 -12.59
CA LYS A 236 7.03 -21.79 -13.88
C LYS A 236 6.31 -20.72 -14.70
N VAL A 237 7.08 -19.75 -15.18
CA VAL A 237 6.53 -18.62 -15.93
C VAL A 237 6.80 -18.84 -17.41
N GLU A 238 5.75 -18.82 -18.23
CA GLU A 238 5.94 -18.89 -19.67
C GLU A 238 6.27 -17.51 -20.21
N ASP A 239 6.80 -17.50 -21.43
CA ASP A 239 7.15 -16.23 -22.09
C ASP A 239 5.93 -15.33 -22.31
N ASN A 240 4.70 -15.86 -22.29
CA ASN A 240 3.53 -15.03 -22.48
C ASN A 240 2.96 -14.49 -21.19
N GLY A 241 3.66 -14.64 -20.07
CA GLY A 241 3.12 -14.08 -18.85
C GLY A 241 2.24 -15.03 -18.04
N ILE A 242 2.13 -16.28 -18.47
CA ILE A 242 1.27 -17.30 -17.85
C ILE A 242 2.10 -18.05 -16.83
N ALA A 243 1.69 -18.02 -15.59
CA ALA A 243 2.46 -18.69 -14.55
C ALA A 243 1.60 -19.78 -13.91
N ILE A 244 2.16 -20.96 -13.77
CA ILE A 244 1.51 -22.03 -13.04
C ILE A 244 2.40 -22.47 -11.86
N ALA A 245 1.79 -22.60 -10.68
CA ALA A 245 2.44 -23.15 -9.48
C ALA A 245 1.56 -24.26 -8.93
N HIS A 246 2.13 -25.14 -8.13
CA HIS A 246 1.34 -26.29 -7.69
C HIS A 246 1.86 -26.84 -6.36
N GLY A 247 0.96 -27.45 -5.57
CA GLY A 247 1.39 -28.26 -4.46
C GLY A 247 1.56 -29.72 -4.86
N SER A 248 2.32 -30.47 -4.07
CA SER A 248 2.49 -31.86 -4.47
C SER A 248 1.17 -32.60 -4.27
N ASP A 249 1.08 -33.77 -4.91
CA ASP A 249 -0.21 -34.47 -5.00
C ASP A 249 -0.67 -35.05 -3.67
N ASP A 250 0.26 -35.24 -2.74
CA ASP A 250 -0.07 -35.74 -1.44
C ASP A 250 -0.10 -34.76 -0.27
N LYS A 251 -0.20 -33.47 -0.55
CA LYS A 251 -0.25 -32.47 0.51
C LYS A 251 -1.50 -31.64 0.34
N ILE A 252 -2.33 -31.59 1.37
CA ILE A 252 -3.55 -30.78 1.33
C ILE A 252 -3.19 -29.36 1.72
N TYR A 253 -3.66 -28.39 0.95
CA TYR A 253 -3.48 -27.00 1.32
C TYR A 253 -4.81 -26.34 1.67
N HIS A 254 -4.72 -25.41 2.57
CA HIS A 254 -5.84 -24.59 2.90
C HIS A 254 -6.25 -23.72 1.70
N PRO A 255 -7.56 -23.60 1.39
CA PRO A 255 -8.00 -22.76 0.25
C PRO A 255 -7.59 -21.30 0.37
N VAL A 256 -7.47 -20.79 1.60
CA VAL A 256 -7.00 -19.42 1.80
C VAL A 256 -5.55 -19.28 1.31
N THR A 257 -4.69 -20.22 1.67
CA THR A 257 -3.30 -20.23 1.23
C THR A 257 -3.16 -20.32 -0.28
N VAL A 258 -4.00 -21.16 -0.92
CA VAL A 258 -3.95 -21.25 -2.38
C VAL A 258 -4.32 -19.91 -3.01
N ALA A 259 -5.42 -19.28 -2.55
CA ALA A 259 -5.80 -17.98 -3.09
C ALA A 259 -4.70 -16.95 -2.87
N GLN A 260 -4.09 -16.96 -1.68
CA GLN A 260 -3.06 -15.96 -1.40
C GLN A 260 -1.81 -16.18 -2.25
N ALA A 261 -1.44 -17.45 -2.47
CA ALA A 261 -0.31 -17.74 -3.34
C ALA A 261 -0.52 -17.16 -4.73
N ALA A 262 -1.72 -17.31 -5.27
CA ALA A 262 -2.00 -16.81 -6.61
C ALA A 262 -1.98 -15.30 -6.64
N ASP A 263 -2.50 -14.66 -5.57
CA ASP A 263 -2.44 -13.21 -5.42
C ASP A 263 -1.01 -12.73 -5.50
N GLU A 264 -0.12 -13.40 -4.74
CA GLU A 264 1.27 -12.98 -4.53
C GLU A 264 2.15 -13.20 -5.76
N LEU A 265 1.82 -14.20 -6.59
CA LEU A 265 2.56 -14.36 -7.83
C LEU A 265 2.40 -13.16 -8.77
N LEU A 266 1.28 -12.44 -8.71
CA LEU A 266 1.16 -11.24 -9.54
C LEU A 266 2.12 -10.10 -9.16
N SER A 267 2.72 -10.12 -7.97
CA SER A 267 3.75 -9.15 -7.64
C SER A 267 5.10 -9.52 -8.23
N LEU A 268 5.21 -10.60 -9.02
CA LEU A 268 6.53 -10.98 -9.48
C LEU A 268 6.73 -10.64 -10.95
N GLU A 269 7.99 -10.40 -11.30
CA GLU A 269 8.32 -9.97 -12.66
C GLU A 269 7.93 -11.01 -13.72
N GLY A 270 7.33 -10.52 -14.82
CA GLY A 270 6.94 -11.38 -15.92
C GLY A 270 5.60 -12.11 -15.77
N ILE A 271 4.88 -11.96 -14.67
CA ILE A 271 3.65 -12.74 -14.48
C ILE A 271 2.44 -11.85 -14.77
N GLU A 272 1.72 -12.16 -15.85
CA GLU A 272 0.44 -11.53 -16.23
C GLU A 272 -0.77 -12.27 -15.66
N ALA A 273 -0.69 -13.59 -15.55
CA ALA A 273 -1.77 -14.36 -14.96
C ALA A 273 -1.16 -15.56 -14.23
N SER A 274 -1.70 -15.85 -13.05
CA SER A 274 -1.21 -16.96 -12.24
C SER A 274 -2.35 -17.93 -11.99
N TYR A 275 -2.00 -19.23 -11.96
CA TYR A 275 -2.87 -20.35 -11.67
C TYR A 275 -2.13 -21.22 -10.67
N VAL A 276 -2.78 -21.47 -9.56
CA VAL A 276 -2.18 -22.24 -8.47
C VAL A 276 -3.06 -23.45 -8.24
N VAL A 277 -2.45 -24.63 -8.43
CA VAL A 277 -3.10 -25.93 -8.46
C VAL A 277 -2.66 -26.72 -7.23
N ALA A 278 -3.61 -27.12 -6.38
CA ALA A 278 -3.21 -27.77 -5.14
C ALA A 278 -4.34 -28.65 -4.59
N ARG A 279 -3.98 -29.73 -3.93
CA ARG A 279 -5.01 -30.64 -3.48
C ARG A 279 -5.83 -30.03 -2.31
N ARG A 280 -7.16 -30.12 -2.41
CA ARG A 280 -8.04 -29.58 -1.41
C ARG A 280 -8.64 -30.67 -0.53
N GLU A 281 -8.88 -31.85 -1.06
CA GLU A 281 -9.40 -33.01 -0.34
C GLU A 281 -8.78 -34.27 -0.91
N ASP A 282 -8.91 -35.42 -0.25
CA ASP A 282 -8.45 -36.68 -0.85
C ASP A 282 -9.02 -36.98 -2.24
N ASN A 283 -10.14 -36.36 -2.63
CA ASN A 283 -10.72 -36.51 -3.96
C ASN A 283 -11.02 -35.18 -4.67
N LEU A 284 -10.35 -34.08 -4.31
CA LEU A 284 -10.67 -32.79 -4.92
C LEU A 284 -9.41 -31.92 -5.09
N ILE A 285 -9.23 -31.37 -6.29
CA ILE A 285 -8.12 -30.47 -6.57
C ILE A 285 -8.72 -29.08 -6.72
N GLY A 286 -8.13 -28.07 -6.08
CA GLY A 286 -8.55 -26.69 -6.31
C GLY A 286 -7.59 -25.95 -7.23
N ILE A 287 -8.10 -24.98 -7.98
CA ILE A 287 -7.24 -24.09 -8.74
C ILE A 287 -7.72 -22.68 -8.46
N SER A 288 -6.78 -21.81 -8.05
CA SER A 288 -7.03 -20.37 -7.92
C SER A 288 -6.27 -19.64 -9.02
N ALA A 289 -6.96 -18.68 -9.65
CA ALA A 289 -6.42 -17.95 -10.79
C ALA A 289 -6.57 -16.45 -10.58
N ARG A 290 -5.51 -15.70 -10.91
CA ARG A 290 -5.54 -14.26 -10.79
C ARG A 290 -4.87 -13.65 -12.01
N SER A 291 -5.24 -12.40 -12.34
CA SER A 291 -4.52 -11.73 -13.41
C SER A 291 -4.53 -10.22 -13.21
N LEU A 292 -3.67 -9.56 -13.94
CA LEU A 292 -3.54 -8.13 -13.88
C LEU A 292 -4.48 -7.41 -14.84
N GLY A 293 -5.38 -8.13 -15.51
CA GLY A 293 -6.37 -7.53 -16.39
C GLY A 293 -6.20 -7.81 -17.87
N SER A 294 -5.08 -8.34 -18.30
CA SER A 294 -4.88 -8.70 -19.71
C SER A 294 -5.26 -10.12 -20.05
N VAL A 295 -5.30 -11.03 -19.08
CA VAL A 295 -5.69 -12.40 -19.35
C VAL A 295 -6.95 -12.65 -18.55
N ASN A 296 -8.00 -13.19 -19.20
CA ASN A 296 -9.28 -13.34 -18.53
C ASN A 296 -9.28 -14.73 -17.88
N VAL A 297 -8.97 -14.78 -16.57
CA VAL A 297 -8.93 -16.05 -15.86
C VAL A 297 -10.35 -16.54 -15.57
N GLN A 298 -11.34 -15.66 -15.70
CA GLN A 298 -12.72 -16.14 -15.63
C GLN A 298 -13.00 -17.14 -16.75
N LEU A 299 -12.62 -16.80 -17.99
CA LEU A 299 -12.81 -17.73 -19.11
C LEU A 299 -12.09 -19.05 -18.83
N THR A 300 -10.79 -18.98 -18.47
CA THR A 300 -10.05 -20.21 -18.17
C THR A 300 -10.79 -21.08 -17.18
N MET A 301 -11.20 -20.51 -16.03
CA MET A 301 -11.81 -21.38 -15.02
C MET A 301 -13.21 -21.86 -15.44
N GLU A 302 -13.95 -21.05 -16.20
CA GLU A 302 -15.22 -21.52 -16.80
C GLU A 302 -15.03 -22.74 -17.69
N ALA A 303 -13.93 -22.75 -18.49
CA ALA A 303 -13.53 -23.91 -19.30
C ALA A 303 -13.29 -25.18 -18.45
N LEU A 304 -12.96 -25.03 -17.17
CA LEU A 304 -12.74 -26.16 -16.27
C LEU A 304 -13.87 -26.32 -15.24
N GLY A 305 -15.07 -25.81 -15.54
CA GLY A 305 -16.22 -26.04 -14.64
C GLY A 305 -16.30 -25.14 -13.41
N GLY A 306 -15.59 -24.01 -13.40
CA GLY A 306 -15.60 -23.08 -12.29
C GLY A 306 -16.03 -21.72 -12.80
N GLY A 307 -15.52 -20.67 -12.16
CA GLY A 307 -15.78 -19.33 -12.67
C GLY A 307 -15.35 -18.25 -11.67
N GLY A 308 -15.89 -17.05 -11.85
CA GLY A 308 -15.52 -15.89 -11.05
C GLY A 308 -15.46 -14.67 -11.95
N HIS A 309 -14.39 -13.87 -11.89
CA HIS A 309 -14.35 -12.60 -12.59
C HIS A 309 -13.12 -12.49 -13.44
N LEU A 310 -13.03 -11.42 -14.21
CA LEU A 310 -11.92 -11.28 -15.14
C LEU A 310 -10.54 -11.47 -14.47
N THR A 311 -10.37 -10.99 -13.22
CA THR A 311 -9.06 -11.01 -12.58
C THR A 311 -8.95 -12.03 -11.47
N ASN A 312 -9.99 -12.77 -11.18
CA ASN A 312 -10.06 -13.51 -9.94
C ASN A 312 -11.10 -14.60 -10.16
N ALA A 313 -10.65 -15.85 -10.34
CA ALA A 313 -11.59 -16.95 -10.56
C ALA A 313 -11.02 -18.20 -9.89
N ALA A 314 -11.85 -19.26 -9.80
CA ALA A 314 -11.43 -20.54 -9.22
C ALA A 314 -12.22 -21.69 -9.83
N THR A 315 -11.73 -22.92 -9.62
CA THR A 315 -12.51 -24.11 -9.90
C THR A 315 -12.02 -25.21 -8.98
N GLN A 316 -12.80 -26.29 -8.95
CA GLN A 316 -12.47 -27.48 -8.19
C GLN A 316 -12.65 -28.69 -9.08
N LEU A 317 -11.73 -29.65 -9.01
CA LEU A 317 -11.74 -30.75 -9.96
C LEU A 317 -11.79 -32.08 -9.19
N LYS A 318 -12.86 -32.84 -9.40
CA LYS A 318 -13.07 -34.12 -8.72
C LYS A 318 -12.25 -35.27 -9.30
N GLY A 319 -11.64 -36.06 -8.41
CA GLY A 319 -11.08 -37.35 -8.78
C GLY A 319 -9.84 -37.32 -9.66
N VAL A 320 -9.10 -36.20 -9.68
CA VAL A 320 -7.85 -36.16 -10.43
C VAL A 320 -6.69 -35.87 -9.50
N THR A 321 -5.49 -36.25 -9.97
CA THR A 321 -4.24 -35.84 -9.36
C THR A 321 -3.90 -34.39 -9.72
N VAL A 322 -2.94 -33.80 -8.98
CA VAL A 322 -2.60 -32.44 -9.37
C VAL A 322 -1.97 -32.40 -10.77
N GLU A 323 -1.20 -33.42 -11.12
CA GLU A 323 -0.63 -33.51 -12.46
C GLU A 323 -1.70 -33.61 -13.57
N GLU A 324 -2.72 -34.37 -13.33
CA GLU A 324 -3.90 -34.37 -14.22
C GLU A 324 -4.58 -33.01 -14.26
N ALA A 325 -4.68 -32.34 -13.11
CA ALA A 325 -5.36 -31.03 -13.12
C ALA A 325 -4.53 -30.03 -13.91
N ILE A 326 -3.22 -30.10 -13.75
CA ILE A 326 -2.33 -29.21 -14.48
C ILE A 326 -2.48 -29.40 -16.00
N ALA A 327 -2.45 -30.66 -16.47
CA ALA A 327 -2.61 -30.89 -17.91
C ALA A 327 -3.97 -30.34 -18.44
N GLN A 328 -5.06 -30.56 -17.69
CA GLN A 328 -6.35 -29.99 -18.12
C GLN A 328 -6.28 -28.49 -18.16
N LEU A 329 -5.65 -27.88 -17.16
CA LEU A 329 -5.46 -26.42 -17.18
C LEU A 329 -4.68 -25.96 -18.42
N GLN A 330 -3.59 -26.66 -18.78
CA GLN A 330 -2.78 -26.18 -19.92
C GLN A 330 -3.52 -26.32 -21.25
N GLN A 331 -4.32 -27.36 -21.39
CA GLN A 331 -5.19 -27.53 -22.52
C GLN A 331 -6.17 -26.38 -22.66
N ALA A 332 -6.79 -26.00 -21.57
CA ALA A 332 -7.69 -24.85 -21.60
C ALA A 332 -6.96 -23.54 -21.90
N ILE A 333 -5.79 -23.35 -21.31
CA ILE A 333 -4.99 -22.15 -21.59
C ILE A 333 -4.62 -22.04 -23.06
N THR A 334 -4.03 -23.08 -23.63
CA THR A 334 -3.61 -22.91 -25.01
C THR A 334 -4.82 -22.81 -25.94
N GLU A 335 -5.96 -23.44 -25.55
CA GLU A 335 -7.18 -23.28 -26.34
C GLU A 335 -7.68 -21.84 -26.24
N GLN A 336 -7.61 -21.23 -25.07
CA GLN A 336 -8.04 -19.85 -24.91
C GLN A 336 -7.12 -18.80 -25.58
N LEU A 337 -5.83 -19.01 -25.55
CA LEU A 337 -4.91 -18.02 -26.07
C LEU A 337 -4.17 -18.44 -27.33
N SER A 338 -4.71 -19.37 -28.10
CA SER A 338 -3.96 -19.96 -29.18
C SER A 338 -3.39 -18.98 -30.21
N ARG A 339 -3.92 -17.77 -30.29
CA ARG A 339 -3.42 -16.73 -31.19
C ARG A 339 -3.33 -15.40 -30.44
N VAL B 7 -1.22 27.92 1.65
CA VAL B 7 -0.98 29.23 1.02
C VAL B 7 0.52 29.36 0.69
N ARG B 8 1.31 28.62 1.45
CA ARG B 8 2.75 28.70 1.27
C ARG B 8 3.17 28.04 -0.06
N ALA B 9 2.55 26.91 -0.41
CA ALA B 9 2.76 26.30 -1.72
C ALA B 9 2.31 27.24 -2.84
N ARG B 10 1.25 27.99 -2.62
CA ARG B 10 0.80 28.92 -3.64
C ARG B 10 1.83 29.98 -3.90
N VAL B 11 2.49 30.44 -2.87
CA VAL B 11 3.47 31.51 -3.06
C VAL B 11 4.72 30.96 -3.72
N ILE B 12 5.23 29.83 -3.22
CA ILE B 12 6.33 29.12 -3.89
C ILE B 12 6.00 28.88 -5.36
N SER B 13 4.79 28.40 -5.65
CA SER B 13 4.45 28.12 -7.02
C SER B 13 4.58 29.36 -7.93
N HIS B 14 4.02 30.49 -7.51
CA HIS B 14 4.08 31.67 -8.37
C HIS B 14 5.48 32.26 -8.45
N ALA B 15 6.28 32.19 -7.38
CA ALA B 15 7.66 32.66 -7.44
C ALA B 15 8.55 31.77 -8.33
N LEU B 16 8.29 30.44 -8.34
CA LEU B 16 9.06 29.56 -9.24
C LEU B 16 8.73 29.86 -10.69
N LYS B 17 7.45 30.09 -10.98
CA LYS B 17 7.06 30.40 -12.33
C LYS B 17 7.76 31.67 -12.81
N ASP B 18 7.89 32.67 -11.93
CA ASP B 18 8.59 33.88 -12.29
C ASP B 18 10.07 33.64 -12.53
N ILE B 19 10.70 32.86 -11.66
CA ILE B 19 12.12 32.54 -11.82
C ILE B 19 12.37 31.78 -13.12
N LEU B 20 11.52 30.81 -13.42
CA LEU B 20 11.73 30.02 -14.62
C LEU B 20 11.48 30.87 -15.87
N ALA B 21 10.47 31.76 -15.85
CA ALA B 21 10.12 32.52 -17.06
C ALA B 21 11.20 33.50 -17.40
N GLU B 22 12.00 33.81 -16.39
CA GLU B 22 12.96 34.86 -16.38
C GLU B 22 14.23 34.51 -17.07
N GLY B 23 14.70 33.28 -16.91
CA GLY B 23 15.86 32.76 -17.61
C GLY B 23 15.54 32.38 -19.03
N ASP B 24 16.54 31.82 -19.71
CA ASP B 24 16.36 31.45 -21.11
C ASP B 24 15.87 30.01 -21.29
N LYS B 25 16.08 29.14 -20.30
CA LYS B 25 15.47 27.82 -20.34
C LYS B 25 15.69 27.21 -18.97
N VAL B 26 15.29 25.93 -18.83
CA VAL B 26 15.25 25.25 -17.54
C VAL B 26 15.96 23.92 -17.67
N ILE B 27 16.92 23.63 -16.78
CA ILE B 27 17.66 22.36 -16.74
C ILE B 27 17.40 21.71 -15.39
N ILE B 28 16.94 20.46 -15.40
CA ILE B 28 16.44 19.82 -14.19
C ILE B 28 17.30 18.62 -13.85
N MET B 29 17.70 18.52 -12.59
CA MET B 29 18.59 17.44 -12.20
C MET B 29 18.31 16.93 -10.78
N GLY B 30 18.39 15.61 -10.61
CA GLY B 30 18.22 15.01 -9.28
C GLY B 30 19.55 14.50 -8.80
N HIS B 31 19.59 13.39 -8.07
CA HIS B 31 20.82 12.95 -7.43
C HIS B 31 21.47 11.81 -8.21
N LYS B 32 22.72 11.53 -7.84
CA LYS B 32 23.40 10.39 -8.45
C LYS B 32 22.64 9.11 -8.17
N ARG B 33 22.56 8.25 -9.16
CA ARG B 33 21.72 7.06 -9.16
C ARG B 33 20.29 7.38 -8.80
N PRO B 34 19.60 8.02 -9.71
CA PRO B 34 18.27 8.52 -9.41
C PRO B 34 17.29 7.39 -9.22
N ASP B 35 16.42 7.52 -8.24
CA ASP B 35 15.33 6.59 -8.05
C ASP B 35 14.05 7.19 -8.68
N LEU B 36 12.88 6.54 -8.47
CA LEU B 36 11.66 7.04 -9.13
C LEU B 36 11.18 8.37 -8.55
N ASP B 37 11.45 8.67 -7.26
CA ASP B 37 11.09 10.01 -6.79
C ASP B 37 11.92 11.08 -7.53
N ALA B 38 13.24 10.90 -7.64
CA ALA B 38 14.02 11.94 -8.33
C ALA B 38 13.55 12.11 -9.77
N ILE B 39 13.28 10.99 -10.48
CA ILE B 39 12.82 11.08 -11.87
C ILE B 39 11.40 11.66 -11.94
N GLY B 40 10.48 11.13 -11.12
CA GLY B 40 9.13 11.68 -11.09
C GLY B 40 9.08 13.17 -10.73
N ALA B 41 9.84 13.58 -9.69
CA ALA B 41 9.95 15.00 -9.37
C ALA B 41 10.47 15.82 -10.56
N ALA B 42 11.51 15.30 -11.22
CA ALA B 42 12.07 16.01 -12.37
C ALA B 42 11.02 16.14 -13.46
N ILE B 43 10.27 15.07 -13.68
CA ILE B 43 9.23 15.08 -14.69
C ILE B 43 8.15 16.08 -14.31
N GLY B 44 7.83 16.17 -13.02
CA GLY B 44 6.82 17.15 -12.63
C GLY B 44 7.28 18.59 -12.87
N VAL B 45 8.55 18.87 -12.61
CA VAL B 45 9.06 20.22 -12.84
C VAL B 45 9.10 20.54 -14.33
N SER B 46 9.41 19.55 -15.19
CA SER B 46 9.31 19.84 -16.63
C SER B 46 7.85 20.06 -17.10
N ARG B 47 6.85 19.40 -16.49
CA ARG B 47 5.46 19.77 -16.82
C ARG B 47 5.13 21.17 -16.30
N PHE B 48 5.51 21.48 -15.05
CA PHE B 48 5.46 22.84 -14.56
C PHE B 48 5.91 23.85 -15.63
N ALA B 49 7.10 23.63 -16.20
CA ALA B 49 7.63 24.62 -17.14
C ALA B 49 6.78 24.69 -18.40
N MET B 50 6.32 23.54 -18.86
CA MET B 50 5.53 23.46 -20.08
C MET B 50 4.17 24.12 -20.00
N MET B 51 3.49 23.90 -18.90
CA MET B 51 2.24 24.60 -18.61
C MET B 51 2.36 26.10 -18.82
N ASN B 52 3.59 26.61 -18.74
CA ASN B 52 3.93 28.01 -18.96
C ASN B 52 4.69 28.21 -20.26
N ASN B 53 4.64 27.24 -21.16
CA ASN B 53 5.33 27.29 -22.47
C ASN B 53 6.80 27.66 -22.39
N LEU B 54 7.46 27.22 -21.34
CA LEU B 54 8.91 27.35 -21.17
C LEU B 54 9.64 26.10 -21.64
N GLU B 55 10.94 26.27 -21.89
CA GLU B 55 11.80 25.24 -22.43
C GLU B 55 12.52 24.53 -21.28
N ALA B 56 12.35 23.21 -21.17
CA ALA B 56 12.96 22.51 -20.04
C ALA B 56 13.45 21.13 -20.47
N TYR B 57 14.55 20.72 -19.87
CA TYR B 57 15.14 19.42 -20.08
C TYR B 57 15.44 18.75 -18.74
N ILE B 58 15.57 17.43 -18.77
CA ILE B 58 15.92 16.63 -17.60
C ILE B 58 17.27 15.96 -17.86
N VAL B 59 18.23 16.14 -16.96
CA VAL B 59 19.56 15.56 -17.20
C VAL B 59 19.56 14.09 -16.78
N LEU B 60 19.89 13.21 -17.72
CA LEU B 60 20.01 11.79 -17.43
C LEU B 60 20.97 11.12 -18.42
N ASN B 61 22.01 10.45 -17.94
CA ASN B 61 22.93 9.67 -18.77
C ASN B 61 22.61 8.17 -18.73
N GLU B 62 23.01 7.48 -19.80
CA GLU B 62 22.70 6.05 -19.92
C GLU B 62 23.23 5.30 -18.73
N THR B 63 24.43 5.66 -18.24
CA THR B 63 24.93 4.96 -17.06
C THR B 63 24.18 5.32 -15.80
N ASP B 64 23.21 6.24 -15.83
CA ASP B 64 22.43 6.56 -14.63
C ASP B 64 21.20 5.67 -14.47
N ILE B 65 20.96 4.76 -15.40
CA ILE B 65 19.69 4.07 -15.49
C ILE B 65 19.83 2.63 -14.97
N ASP B 66 19.49 2.44 -13.68
CA ASP B 66 19.43 1.13 -13.01
C ASP B 66 18.20 0.34 -13.52
N PRO B 67 18.05 -0.93 -13.14
CA PRO B 67 17.03 -1.74 -13.85
C PRO B 67 15.61 -1.26 -13.58
N THR B 68 15.33 -0.71 -12.41
CA THR B 68 14.00 -0.14 -12.17
C THR B 68 13.74 1.05 -13.09
N LEU B 69 14.73 1.90 -13.27
CA LEU B 69 14.54 3.06 -14.13
C LEU B 69 14.40 2.63 -15.59
N ARG B 70 15.18 1.62 -16.03
CA ARG B 70 15.00 1.16 -17.41
C ARG B 70 13.54 0.78 -17.71
N ARG B 71 12.86 0.11 -16.76
CA ARG B 71 11.44 -0.19 -16.98
C ARG B 71 10.60 1.06 -17.19
N VAL B 72 10.86 2.12 -16.44
CA VAL B 72 10.18 3.40 -16.70
C VAL B 72 10.55 3.94 -18.07
N MET B 73 11.86 3.88 -18.43
CA MET B 73 12.29 4.50 -19.71
C MET B 73 11.69 3.78 -20.90
N ASN B 74 11.46 2.45 -20.79
CA ASN B 74 10.79 1.72 -21.87
C ASN B 74 9.39 2.27 -22.13
N GLU B 75 8.67 2.71 -21.07
CA GLU B 75 7.39 3.38 -21.29
C GLU B 75 7.57 4.79 -21.84
N ILE B 76 8.48 5.57 -21.22
CA ILE B 76 8.71 6.91 -21.69
C ILE B 76 9.14 6.92 -23.17
N ASP B 77 9.84 5.86 -23.64
CA ASP B 77 10.28 5.85 -25.05
C ASP B 77 9.11 5.85 -26.03
N LYS B 78 7.97 5.26 -25.65
CA LYS B 78 6.78 5.27 -26.50
C LYS B 78 6.15 6.65 -26.72
N LYS B 79 6.67 7.69 -26.09
CA LYS B 79 6.06 9.01 -26.19
C LYS B 79 7.09 10.11 -26.37
N PRO B 80 7.27 10.56 -27.60
CA PRO B 80 8.35 11.50 -27.91
C PRO B 80 8.19 12.85 -27.27
N GLU B 81 6.99 13.31 -27.00
CA GLU B 81 6.95 14.58 -26.33
C GLU B 81 7.74 14.44 -25.06
N LEU B 82 7.62 13.31 -24.42
CA LEU B 82 8.24 13.13 -23.14
C LEU B 82 9.67 12.64 -23.25
N ARG B 83 9.96 11.75 -24.18
CA ARG B 83 11.31 11.23 -24.29
C ARG B 83 12.36 12.26 -24.68
N GLU B 84 11.92 13.29 -25.39
CA GLU B 84 12.79 14.32 -25.94
C GLU B 84 13.27 15.31 -24.90
N ARG B 85 12.69 15.25 -23.72
CA ARG B 85 13.07 16.14 -22.68
C ARG B 85 14.30 15.67 -21.96
N PHE B 86 14.61 14.41 -22.07
CA PHE B 86 15.78 13.83 -21.40
C PHE B 86 17.05 14.05 -22.21
N ILE B 87 18.09 14.62 -21.63
CA ILE B 87 19.34 14.92 -22.33
C ILE B 87 20.52 14.47 -21.48
N THR B 88 21.67 14.26 -22.13
CA THR B 88 22.89 13.91 -21.40
C THR B 88 23.50 15.14 -20.68
N SER B 89 24.41 14.84 -19.75
CA SER B 89 25.28 15.82 -19.11
C SER B 89 25.98 16.70 -20.12
N ASP B 90 26.58 16.09 -21.16
CA ASP B 90 27.27 16.86 -22.19
C ASP B 90 26.33 17.83 -22.87
N ASP B 91 25.20 17.33 -23.37
CA ASP B 91 24.25 18.24 -24.01
C ASP B 91 23.77 19.33 -23.05
N ALA B 92 23.65 19.00 -21.76
CA ALA B 92 23.16 20.01 -20.82
C ALA B 92 24.21 21.10 -20.68
N TRP B 93 25.45 20.69 -20.40
CA TRP B 93 26.59 21.60 -20.36
C TRP B 93 26.62 22.52 -21.57
N ASP B 94 26.55 21.93 -22.78
CA ASP B 94 26.78 22.67 -24.02
C ASP B 94 25.69 23.71 -24.21
N MET B 95 24.46 23.42 -23.76
CA MET B 95 23.34 24.34 -24.00
C MET B 95 23.15 25.39 -22.89
N MET B 96 23.89 25.34 -21.77
CA MET B 96 23.69 26.28 -20.66
C MET B 96 24.35 27.64 -20.88
N THR B 97 23.62 28.70 -20.53
CA THR B 97 24.20 30.06 -20.43
C THR B 97 24.05 30.56 -19.02
N SER B 98 24.56 31.76 -18.77
CA SER B 98 24.40 32.40 -17.46
C SER B 98 22.94 32.72 -17.15
N LYS B 99 22.08 32.73 -18.17
CA LYS B 99 20.65 32.93 -17.95
C LYS B 99 19.83 31.63 -17.75
N THR B 100 20.43 30.43 -17.83
CA THR B 100 19.74 29.17 -17.65
C THR B 100 19.49 28.86 -16.16
N THR B 101 18.28 28.39 -15.81
CA THR B 101 17.94 27.99 -14.43
C THR B 101 18.09 26.48 -14.30
N VAL B 102 18.96 26.04 -13.41
CA VAL B 102 19.06 24.63 -13.01
C VAL B 102 18.18 24.38 -11.77
N VAL B 103 17.19 23.51 -11.88
CA VAL B 103 16.38 23.08 -10.73
C VAL B 103 16.93 21.76 -10.23
N ILE B 104 17.38 21.72 -8.98
CA ILE B 104 17.86 20.50 -8.32
C ILE B 104 16.70 19.87 -7.53
N VAL B 105 16.39 18.59 -7.79
CA VAL B 105 15.22 17.93 -7.17
C VAL B 105 15.73 16.78 -6.31
N ASP B 106 15.17 16.66 -5.10
CA ASP B 106 15.28 15.43 -4.30
C ASP B 106 16.68 15.24 -3.71
N THR B 107 17.46 16.29 -3.73
CA THR B 107 18.71 16.32 -3.00
C THR B 107 18.97 17.79 -2.81
N HIS B 108 19.90 18.10 -1.90
CA HIS B 108 20.34 19.46 -1.64
C HIS B 108 21.86 19.56 -1.41
N LYS B 109 22.59 18.50 -1.65
CA LYS B 109 24.01 18.50 -1.40
C LYS B 109 24.78 18.46 -2.70
N PRO B 110 25.67 19.43 -2.90
CA PRO B 110 26.39 19.51 -4.20
C PRO B 110 27.02 18.20 -4.63
N GLU B 111 27.66 17.50 -3.72
CA GLU B 111 28.34 16.27 -4.10
C GLU B 111 27.38 15.12 -4.37
N LEU B 112 26.07 15.26 -4.08
CA LEU B 112 25.15 14.19 -4.45
C LEU B 112 24.47 14.44 -5.78
N VAL B 113 24.55 15.68 -6.30
CA VAL B 113 23.81 16.03 -7.51
C VAL B 113 24.29 15.14 -8.65
N LEU B 114 23.40 14.83 -9.60
CA LEU B 114 23.74 13.82 -10.62
C LEU B 114 25.01 14.22 -11.41
N ASP B 115 25.10 15.47 -11.88
CA ASP B 115 26.35 16.00 -12.50
C ASP B 115 26.80 17.27 -11.79
N GLU B 116 27.81 17.15 -10.96
CA GLU B 116 28.36 18.29 -10.27
C GLU B 116 28.87 19.39 -11.20
N ASN B 117 29.42 19.03 -12.35
CA ASN B 117 29.91 20.02 -13.31
C ASN B 117 28.79 20.88 -13.88
N VAL B 118 27.63 20.27 -14.20
CA VAL B 118 26.46 21.07 -14.60
C VAL B 118 26.03 22.01 -13.45
N LEU B 119 25.96 21.51 -12.23
CA LEU B 119 25.72 22.39 -11.09
C LEU B 119 26.74 23.53 -11.04
N ASN B 120 28.04 23.24 -11.26
CA ASN B 120 29.03 24.31 -11.09
C ASN B 120 28.89 25.37 -12.17
N LYS B 121 28.33 25.00 -13.34
CA LYS B 121 28.21 25.90 -14.46
C LYS B 121 27.09 26.88 -14.24
N ALA B 122 26.16 26.54 -13.38
CA ALA B 122 24.94 27.29 -13.25
C ALA B 122 25.04 28.53 -12.39
N ASN B 123 24.41 29.57 -12.87
CA ASN B 123 24.33 30.84 -12.18
C ASN B 123 23.00 31.03 -11.46
N ARG B 124 21.96 30.38 -11.95
CA ARG B 124 20.62 30.44 -11.40
C ARG B 124 20.22 29.03 -10.93
N LYS B 125 19.90 28.89 -9.64
CA LYS B 125 19.62 27.59 -9.06
C LYS B 125 18.35 27.64 -8.22
N VAL B 126 17.64 26.51 -8.26
CA VAL B 126 16.46 26.24 -7.44
C VAL B 126 16.65 24.84 -6.80
N VAL B 127 16.26 24.71 -5.54
CA VAL B 127 16.35 23.46 -4.80
C VAL B 127 14.95 23.12 -4.28
N ILE B 128 14.48 21.91 -4.57
CA ILE B 128 13.22 21.34 -4.07
C ILE B 128 13.59 19.96 -3.51
N ASP B 129 13.38 19.78 -2.20
CA ASP B 129 13.84 18.57 -1.54
C ASP B 129 13.05 18.33 -0.25
N HIS B 130 13.06 17.09 0.23
CA HIS B 130 12.29 16.72 1.42
C HIS B 130 13.19 16.14 2.51
N HIS B 131 14.47 16.47 2.49
CA HIS B 131 15.40 15.86 3.42
C HIS B 131 15.85 16.91 4.43
N ARG B 132 16.42 16.43 5.50
CA ARG B 132 16.98 17.26 6.54
C ARG B 132 18.26 17.91 6.07
N ARG B 133 18.27 19.24 6.03
CA ARG B 133 19.44 19.98 5.57
C ARG B 133 20.64 19.83 6.50
N GLY B 134 21.80 19.52 5.94
CA GLY B 134 22.98 19.48 6.79
C GLY B 134 24.09 20.49 6.51
N GLU B 135 25.30 19.98 6.52
CA GLU B 135 26.47 20.79 6.27
C GLU B 135 26.49 21.42 4.89
N SER B 136 26.63 20.65 3.84
CA SER B 136 26.81 21.23 2.53
C SER B 136 25.45 21.54 1.94
N PHE B 137 25.42 22.55 1.07
CA PHE B 137 24.16 22.95 0.50
C PHE B 137 24.48 23.73 -0.77
N ILE B 138 23.70 23.47 -1.83
CA ILE B 138 23.69 24.26 -3.05
C ILE B 138 23.91 25.73 -2.72
N SER B 139 24.92 26.36 -3.35
CA SER B 139 25.26 27.75 -3.04
C SER B 139 24.33 28.73 -3.76
N ASN B 140 23.91 29.75 -3.04
CA ASN B 140 23.11 30.86 -3.56
C ASN B 140 21.89 30.52 -4.40
N PRO B 141 20.97 29.69 -3.89
CA PRO B 141 19.76 29.45 -4.70
C PRO B 141 18.90 30.69 -4.79
N LEU B 142 18.20 30.84 -5.90
CA LEU B 142 17.18 31.87 -5.95
C LEU B 142 15.90 31.50 -5.19
N LEU B 143 15.67 30.21 -4.96
CA LEU B 143 14.46 29.69 -4.33
C LEU B 143 14.74 28.32 -3.75
N ILE B 144 14.30 28.12 -2.52
CA ILE B 144 14.46 26.88 -1.77
C ILE B 144 13.06 26.44 -1.34
N TYR B 145 12.68 25.20 -1.67
CA TYR B 145 11.43 24.63 -1.21
C TYR B 145 11.79 23.33 -0.48
N MET B 146 12.03 23.41 0.81
CA MET B 146 12.40 22.27 1.58
C MET B 146 11.41 21.94 2.69
N GLU B 147 10.99 20.70 2.75
CA GLU B 147 9.93 20.26 3.68
C GLU B 147 10.32 18.88 4.17
N PRO B 148 11.10 18.83 5.26
CA PRO B 148 11.60 17.55 5.74
C PRO B 148 10.49 16.64 6.29
N TYR B 149 9.29 17.13 6.43
CA TYR B 149 8.18 16.29 6.79
C TYR B 149 7.47 15.65 5.59
N ALA B 150 7.69 16.13 4.40
CA ALA B 150 6.98 15.66 3.22
C ALA B 150 7.42 14.22 2.89
N SER B 151 6.54 13.46 2.21
CA SER B 151 6.92 12.08 1.83
C SER B 151 8.05 12.04 0.79
N SER B 152 8.18 13.03 -0.06
CA SER B 152 8.90 12.83 -1.30
C SER B 152 8.97 14.19 -1.96
N THR B 153 9.90 14.33 -2.90
CA THR B 153 9.90 15.54 -3.72
C THR B 153 8.70 15.55 -4.67
N ALA B 154 8.29 14.37 -5.18
CA ALA B 154 7.08 14.31 -6.02
C ALA B 154 5.88 14.95 -5.35
N GLU B 155 5.72 14.69 -4.05
CA GLU B 155 4.62 15.29 -3.30
C GLU B 155 4.73 16.80 -3.34
N LEU B 156 5.96 17.31 -3.11
CA LEU B 156 6.18 18.75 -3.12
C LEU B 156 5.88 19.35 -4.47
N VAL B 157 6.36 18.71 -5.54
CA VAL B 157 6.19 19.30 -6.87
C VAL B 157 4.72 19.24 -7.28
N THR B 158 4.05 18.15 -6.94
CA THR B 158 2.62 18.07 -7.18
C THR B 158 1.87 19.26 -6.57
N GLU B 159 2.26 19.71 -5.38
CA GLU B 159 1.59 20.88 -4.78
C GLU B 159 1.80 22.13 -5.64
N LEU B 160 3.02 22.31 -6.18
CA LEU B 160 3.28 23.49 -7.02
C LEU B 160 2.44 23.49 -8.29
N LEU B 161 2.22 22.29 -8.87
CA LEU B 161 1.46 22.14 -10.11
C LEU B 161 0.02 22.65 -10.01
N GLU B 162 -0.58 22.52 -8.84
CA GLU B 162 -1.98 22.85 -8.66
C GLU B 162 -2.30 24.29 -8.97
N TYR B 163 -1.34 25.17 -8.79
CA TYR B 163 -1.50 26.61 -8.89
C TYR B 163 -1.03 27.16 -10.25
N GLN B 164 -1.03 26.36 -11.30
CA GLN B 164 -0.50 26.73 -12.60
C GLN B 164 -1.54 26.43 -13.67
N PRO B 165 -1.45 27.12 -14.81
CA PRO B 165 -2.50 26.99 -15.85
C PRO B 165 -2.67 25.56 -16.29
N THR B 166 -3.89 25.23 -16.63
CA THR B 166 -4.27 23.89 -16.96
C THR B 166 -4.57 23.58 -18.43
N GLU B 167 -4.22 24.45 -19.36
CA GLU B 167 -4.44 24.02 -20.73
C GLU B 167 -3.55 22.85 -21.08
N GLN B 168 -2.29 22.91 -20.67
CA GLN B 168 -1.33 21.82 -20.93
C GLN B 168 -1.14 20.89 -19.71
N ARG B 169 -2.14 20.10 -19.37
CA ARG B 169 -2.15 19.34 -18.13
C ARG B 169 -1.06 18.28 -18.01
N LEU B 170 -0.74 17.93 -16.77
CA LEU B 170 0.01 16.71 -16.49
C LEU B 170 -0.61 15.53 -17.26
N THR B 171 0.23 14.75 -17.97
CA THR B 171 -0.32 13.60 -18.68
C THR B 171 -0.43 12.36 -17.79
N ARG B 172 -1.06 11.34 -18.34
CA ARG B 172 -1.23 10.06 -17.73
C ARG B 172 0.06 9.36 -17.37
N LEU B 173 0.97 9.23 -18.31
CA LEU B 173 2.26 8.63 -18.01
C LEU B 173 3.01 9.48 -16.98
N GLU B 174 3.05 10.81 -17.17
CA GLU B 174 3.80 11.65 -16.24
C GLU B 174 3.27 11.51 -14.81
N SER B 175 1.93 11.48 -14.65
CA SER B 175 1.39 11.36 -13.30
C SER B 175 1.67 9.97 -12.72
N THR B 176 1.72 8.93 -13.58
CA THR B 176 2.12 7.59 -13.13
C THR B 176 3.55 7.56 -12.60
N VAL B 177 4.51 8.24 -13.28
CA VAL B 177 5.88 8.17 -12.78
C VAL B 177 5.99 8.92 -11.46
N MET B 178 5.30 10.06 -11.37
CA MET B 178 5.31 10.83 -10.12
C MET B 178 4.71 10.02 -8.99
N TYR B 179 3.65 9.26 -9.33
CA TYR B 179 2.90 8.52 -8.34
C TYR B 179 3.77 7.37 -7.86
N ALA B 180 4.50 6.74 -8.78
CA ALA B 180 5.39 5.66 -8.40
C ALA B 180 6.53 6.15 -7.49
N GLY B 181 7.04 7.35 -7.72
CA GLY B 181 8.03 7.91 -6.79
C GLY B 181 7.49 8.00 -5.36
N ILE B 182 6.27 8.49 -5.20
CA ILE B 182 5.67 8.55 -3.89
C ILE B 182 5.53 7.15 -3.29
N ILE B 183 5.12 6.17 -4.12
CA ILE B 183 5.01 4.77 -3.67
C ILE B 183 6.36 4.26 -3.13
N VAL B 184 7.44 4.49 -3.88
CA VAL B 184 8.75 3.98 -3.44
C VAL B 184 9.18 4.68 -2.16
N ASP B 185 9.09 6.03 -2.14
CA ASP B 185 9.54 6.76 -0.95
C ASP B 185 8.71 6.50 0.31
N THR B 186 7.45 6.13 0.17
CA THR B 186 6.60 5.85 1.31
C THR B 186 6.39 4.39 1.63
N ARG B 187 7.00 3.52 0.86
CA ARG B 187 6.72 2.09 0.90
C ARG B 187 5.23 1.80 0.87
N ASN B 188 4.59 2.29 -0.16
CA ASN B 188 3.18 2.17 -0.34
C ASN B 188 2.39 2.74 0.83
N PHE B 189 2.63 4.01 1.16
CA PHE B 189 1.81 4.77 2.13
C PHE B 189 1.93 4.18 3.52
N THR B 190 3.08 3.62 3.76
CA THR B 190 3.42 2.97 5.02
C THR B 190 4.43 3.77 5.86
N LEU B 191 5.18 4.69 5.24
CA LEU B 191 6.20 5.48 5.89
C LEU B 191 6.07 6.92 5.47
N ARG B 192 6.36 7.82 6.39
CA ARG B 192 6.45 9.22 6.13
C ARG B 192 5.26 9.80 5.37
N THR B 193 4.08 9.28 5.65
CA THR B 193 2.90 9.56 4.85
C THR B 193 1.97 10.45 5.67
N GLY B 194 1.69 11.67 5.20
CA GLY B 194 0.78 12.57 5.87
C GLY B 194 -0.45 12.80 5.02
N SER B 195 -1.31 13.68 5.51
CA SER B 195 -2.52 13.98 4.75
C SER B 195 -2.17 14.59 3.41
N ARG B 196 -1.15 15.44 3.38
CA ARG B 196 -0.66 16.02 2.16
C ARG B 196 -0.13 15.00 1.14
N THR B 197 0.48 13.94 1.58
CA THR B 197 0.84 12.83 0.69
C THR B 197 -0.40 12.31 -0.03
N PHE B 198 -1.49 12.09 0.74
CA PHE B 198 -2.75 11.62 0.10
C PHE B 198 -3.38 12.68 -0.80
N ASP B 199 -3.30 13.96 -0.44
CA ASP B 199 -3.75 15.00 -1.38
C ASP B 199 -2.94 14.96 -2.68
N ALA B 200 -1.63 14.72 -2.59
CA ALA B 200 -0.84 14.63 -3.83
C ALA B 200 -1.28 13.38 -4.64
N ALA B 201 -1.52 12.26 -3.94
CA ALA B 201 -1.97 11.03 -4.60
C ALA B 201 -3.28 11.28 -5.34
N SER B 202 -4.17 12.03 -4.72
CA SER B 202 -5.48 12.31 -5.29
C SER B 202 -5.33 13.12 -6.58
N TYR B 203 -4.49 14.16 -6.52
CA TYR B 203 -4.22 14.94 -7.71
C TYR B 203 -3.64 14.09 -8.82
N LEU B 204 -2.63 13.27 -8.48
CA LEU B 204 -2.02 12.41 -9.49
C LEU B 204 -3.05 11.43 -10.04
N ARG B 205 -3.83 10.84 -9.15
CA ARG B 205 -4.82 9.87 -9.59
C ARG B 205 -5.88 10.54 -10.46
N ALA B 206 -6.27 11.77 -10.12
CA ALA B 206 -7.24 12.44 -10.95
C ALA B 206 -6.69 12.73 -12.36
N HIS B 207 -5.36 12.64 -12.56
CA HIS B 207 -4.78 12.84 -13.88
C HIS B 207 -4.41 11.53 -14.53
N GLY B 208 -4.95 10.41 -14.02
CA GLY B 208 -4.75 9.12 -14.64
C GLY B 208 -3.59 8.27 -14.15
N ALA B 209 -2.91 8.65 -13.03
CA ALA B 209 -1.84 7.80 -12.49
C ALA B 209 -2.33 6.35 -12.36
N ASP B 210 -1.55 5.45 -12.94
CA ASP B 210 -1.98 4.10 -13.23
C ASP B 210 -1.35 3.11 -12.25
N THR B 211 -2.18 2.56 -11.35
CA THR B 211 -1.79 1.56 -10.34
C THR B 211 -1.08 0.37 -10.95
N ILE B 212 -1.63 -0.13 -12.05
CA ILE B 212 -1.08 -1.36 -12.65
C ILE B 212 0.31 -1.12 -13.22
N LEU B 213 0.48 -0.02 -13.96
CA LEU B 213 1.79 0.33 -14.49
C LEU B 213 2.81 0.59 -13.38
N THR B 214 2.39 1.29 -12.33
CA THR B 214 3.24 1.49 -11.16
C THR B 214 3.74 0.15 -10.61
N GLN B 215 2.81 -0.80 -10.39
CA GLN B 215 3.20 -2.15 -9.95
C GLN B 215 4.20 -2.79 -10.92
N HIS B 216 3.95 -2.67 -12.24
CA HIS B 216 4.89 -3.19 -13.22
C HIS B 216 6.29 -2.64 -12.98
N PHE B 217 6.41 -1.34 -12.66
CA PHE B 217 7.74 -0.75 -12.42
C PHE B 217 8.45 -1.40 -11.25
N LEU B 218 7.70 -1.81 -10.22
CA LEU B 218 8.22 -2.21 -8.92
C LEU B 218 8.16 -3.73 -8.70
N LYS B 219 8.09 -4.50 -9.75
CA LYS B 219 7.94 -5.91 -9.56
C LYS B 219 9.25 -6.55 -9.08
N ASP B 220 9.11 -7.55 -8.23
CA ASP B 220 10.18 -8.35 -7.69
C ASP B 220 10.53 -9.48 -8.64
N ASP B 221 11.79 -9.87 -8.64
CA ASP B 221 12.28 -10.98 -9.43
C ASP B 221 11.88 -12.32 -8.74
N VAL B 222 11.51 -13.35 -9.55
CA VAL B 222 11.09 -14.65 -8.97
C VAL B 222 12.23 -15.26 -8.15
N ASP B 223 13.42 -15.23 -8.68
CA ASP B 223 14.52 -15.83 -7.98
C ASP B 223 14.79 -15.20 -6.65
N THR B 224 14.61 -13.91 -6.53
CA THR B 224 14.99 -13.32 -5.26
C THR B 224 13.85 -13.51 -4.25
N TYR B 225 12.60 -13.54 -4.73
CA TYR B 225 11.53 -13.97 -3.85
C TYR B 225 11.80 -15.38 -3.30
N ILE B 226 12.30 -16.30 -4.13
CA ILE B 226 12.50 -17.67 -3.67
C ILE B 226 13.69 -17.79 -2.70
N ASN B 227 14.78 -17.02 -2.92
CA ASN B 227 15.88 -17.01 -1.95
C ASN B 227 15.46 -16.38 -0.65
N ARG B 228 14.74 -15.28 -0.73
CA ARG B 228 14.36 -14.62 0.52
C ARG B 228 13.49 -15.57 1.37
N SER B 229 12.62 -16.35 0.73
CA SER B 229 11.71 -17.21 1.46
C SER B 229 12.39 -18.49 1.96
N GLU B 230 13.46 -18.95 1.29
CA GLU B 230 14.32 -19.99 1.90
C GLU B 230 14.82 -19.58 3.29
N LEU B 231 15.31 -18.36 3.43
CA LEU B 231 15.67 -17.85 4.75
C LEU B 231 14.46 -17.87 5.69
N ILE B 232 13.35 -17.31 5.23
CA ILE B 232 12.22 -17.06 6.13
C ILE B 232 11.60 -18.36 6.60
N ARG B 233 11.52 -19.37 5.72
CA ARG B 233 10.80 -20.60 6.08
C ARG B 233 11.40 -21.30 7.30
N THR B 234 12.66 -20.97 7.67
CA THR B 234 13.31 -21.53 8.85
C THR B 234 13.01 -20.79 10.17
N VAL B 235 12.31 -19.66 10.17
CA VAL B 235 12.26 -18.84 11.37
C VAL B 235 11.66 -19.60 12.54
N LYS B 236 12.17 -19.35 13.73
CA LYS B 236 11.55 -19.74 14.97
C LYS B 236 11.34 -18.52 15.84
N VAL B 237 10.14 -18.41 16.36
CA VAL B 237 9.71 -17.26 17.14
C VAL B 237 9.52 -17.69 18.58
N GLU B 238 10.21 -17.02 19.50
CA GLU B 238 10.06 -17.22 20.94
C GLU B 238 8.83 -16.47 21.47
N ASP B 239 8.39 -16.86 22.69
CA ASP B 239 7.19 -16.28 23.28
C ASP B 239 7.34 -14.78 23.50
N ASN B 240 8.56 -14.30 23.66
CA ASN B 240 8.74 -12.87 23.84
C ASN B 240 8.79 -12.11 22.48
N GLY B 241 8.46 -12.77 21.36
CA GLY B 241 8.53 -12.14 20.06
C GLY B 241 9.90 -12.11 19.37
N ILE B 242 10.92 -12.75 19.93
CA ILE B 242 12.23 -12.79 19.27
C ILE B 242 12.23 -13.86 18.19
N ALA B 243 12.48 -13.46 16.93
CA ALA B 243 12.50 -14.41 15.83
C ALA B 243 13.95 -14.59 15.30
N ILE B 244 14.35 -15.83 15.07
CA ILE B 244 15.64 -16.10 14.45
C ILE B 244 15.42 -16.95 13.21
N ALA B 245 16.03 -16.54 12.09
CA ALA B 245 15.96 -17.30 10.86
C ALA B 245 17.38 -17.54 10.36
N HIS B 246 17.60 -18.60 9.59
CA HIS B 246 18.97 -18.74 9.11
C HIS B 246 18.98 -19.35 7.71
N GLY B 247 20.15 -19.15 6.99
CA GLY B 247 20.49 -19.89 5.79
C GLY B 247 21.34 -21.11 6.13
N SER B 248 21.41 -22.08 5.23
CA SER B 248 22.23 -23.22 5.58
C SER B 248 23.73 -22.87 5.47
N ASP B 249 24.56 -23.70 6.15
CA ASP B 249 25.98 -23.37 6.36
C ASP B 249 26.79 -23.38 5.05
N ASP B 250 26.38 -24.15 4.04
CA ASP B 250 27.16 -24.18 2.80
C ASP B 250 26.52 -23.38 1.67
N LYS B 251 25.67 -22.39 1.97
CA LYS B 251 25.04 -21.59 0.94
C LYS B 251 25.34 -20.14 1.26
N ILE B 252 25.89 -19.42 0.34
CA ILE B 252 26.14 -18.01 0.55
C ILE B 252 24.95 -17.23 0.02
N TYR B 253 24.50 -16.25 0.81
CA TYR B 253 23.36 -15.41 0.47
C TYR B 253 23.85 -14.02 0.18
N HIS B 254 23.22 -13.37 -0.78
CA HIS B 254 23.46 -11.95 -1.04
C HIS B 254 23.04 -11.09 0.16
N PRO B 255 23.87 -10.11 0.59
CA PRO B 255 23.50 -9.27 1.74
C PRO B 255 22.16 -8.61 1.58
N VAL B 256 21.79 -8.24 0.33
CA VAL B 256 20.50 -7.59 0.06
C VAL B 256 19.34 -8.53 0.42
N THR B 257 19.45 -9.79 0.01
CA THR B 257 18.43 -10.80 0.34
C THR B 257 18.29 -11.00 1.84
N VAL B 258 19.42 -10.96 2.59
CA VAL B 258 19.38 -11.20 4.04
C VAL B 258 18.66 -10.05 4.76
N ALA B 259 19.04 -8.82 4.42
CA ALA B 259 18.38 -7.60 4.90
C ALA B 259 16.85 -7.61 4.59
N GLN B 260 16.47 -7.98 3.35
CA GLN B 260 15.04 -8.09 3.00
C GLN B 260 14.33 -9.13 3.84
N ALA B 261 14.93 -10.31 4.02
CA ALA B 261 14.29 -11.32 4.84
C ALA B 261 14.06 -10.80 6.25
N ALA B 262 15.04 -10.07 6.79
CA ALA B 262 14.92 -9.54 8.14
C ALA B 262 13.76 -8.54 8.21
N ASP B 263 13.66 -7.67 7.18
CA ASP B 263 12.58 -6.68 7.11
C ASP B 263 11.24 -7.37 7.01
N GLU B 264 11.17 -8.39 6.15
CA GLU B 264 9.94 -9.15 5.92
C GLU B 264 9.46 -9.90 7.16
N LEU B 265 10.36 -10.40 8.01
CA LEU B 265 9.88 -11.02 9.24
C LEU B 265 9.03 -10.09 10.13
N LEU B 266 9.33 -8.80 10.17
CA LEU B 266 8.56 -7.84 10.98
C LEU B 266 7.12 -7.70 10.50
N SER B 267 6.84 -8.10 9.25
CA SER B 267 5.47 -8.03 8.77
C SER B 267 4.60 -9.17 9.27
N LEU B 268 5.16 -10.15 9.98
CA LEU B 268 4.41 -11.34 10.37
C LEU B 268 3.99 -11.24 11.81
N GLU B 269 2.85 -11.87 12.11
CA GLU B 269 2.24 -11.73 13.41
C GLU B 269 3.17 -12.20 14.52
N GLY B 270 3.22 -11.42 15.59
CA GLY B 270 3.89 -11.92 16.79
C GLY B 270 5.39 -11.67 16.82
N ILE B 271 5.97 -11.02 15.80
CA ILE B 271 7.41 -10.86 15.76
C ILE B 271 7.77 -9.45 16.19
N GLU B 272 8.48 -9.36 17.31
CA GLU B 272 8.93 -8.07 17.83
C GLU B 272 10.28 -7.67 17.26
N ALA B 273 11.13 -8.65 17.00
CA ALA B 273 12.44 -8.36 16.44
C ALA B 273 12.88 -9.58 15.67
N SER B 274 13.57 -9.37 14.57
CA SER B 274 14.06 -10.49 13.77
C SER B 274 15.58 -10.47 13.66
N TYR B 275 16.18 -11.66 13.65
CA TYR B 275 17.61 -11.84 13.37
C TYR B 275 17.75 -12.92 12.30
N VAL B 276 18.42 -12.62 11.21
CA VAL B 276 18.57 -13.55 10.11
C VAL B 276 20.08 -13.81 9.95
N VAL B 277 20.48 -15.06 10.07
CA VAL B 277 21.88 -15.44 10.12
C VAL B 277 22.18 -16.22 8.87
N ALA B 278 23.05 -15.68 7.97
CA ALA B 278 23.36 -16.38 6.74
C ALA B 278 24.84 -16.22 6.40
N ARG B 279 25.44 -17.27 5.85
CA ARG B 279 26.80 -17.15 5.39
C ARG B 279 26.94 -16.07 4.32
N ARG B 280 27.92 -15.22 4.51
CA ARG B 280 28.30 -14.15 3.62
C ARG B 280 29.49 -14.53 2.71
N GLU B 281 30.46 -15.23 3.28
CA GLU B 281 31.61 -15.70 2.55
C GLU B 281 32.10 -17.02 3.04
N ASP B 282 33.18 -17.48 2.43
CA ASP B 282 33.84 -18.69 2.82
C ASP B 282 34.24 -18.71 4.30
N ASN B 283 34.53 -17.56 4.88
CA ASN B 283 34.92 -17.47 6.28
C ASN B 283 34.20 -16.34 7.01
N LEU B 284 32.91 -16.08 6.70
CA LEU B 284 32.24 -14.89 7.19
C LEU B 284 30.72 -15.16 7.24
N ILE B 285 30.11 -14.97 8.43
CA ILE B 285 28.67 -15.10 8.66
C ILE B 285 28.11 -13.70 8.86
N GLY B 286 27.05 -13.38 8.12
CA GLY B 286 26.34 -12.15 8.39
C GLY B 286 25.12 -12.37 9.27
N ILE B 287 24.79 -11.35 10.07
CA ILE B 287 23.51 -11.29 10.74
C ILE B 287 22.92 -9.93 10.44
N SER B 288 21.68 -9.92 9.96
CA SER B 288 20.86 -8.72 9.86
C SER B 288 19.80 -8.73 10.96
N ALA B 289 19.63 -7.61 11.66
CA ALA B 289 18.72 -7.51 12.79
C ALA B 289 17.75 -6.38 12.56
N ARG B 290 16.45 -6.61 12.86
CA ARG B 290 15.43 -5.56 12.78
C ARG B 290 14.50 -5.61 14.00
N SER B 291 13.85 -4.50 14.27
CA SER B 291 12.93 -4.45 15.40
C SER B 291 11.78 -3.51 15.09
N LEU B 292 10.60 -3.81 15.67
CA LEU B 292 9.48 -2.87 15.67
C LEU B 292 9.80 -1.60 16.47
N GLY B 293 10.65 -1.71 17.47
CA GLY B 293 11.02 -0.53 18.21
C GLY B 293 11.06 -0.68 19.72
N SER B 294 10.84 -1.86 20.23
CA SER B 294 10.85 -2.03 21.64
C SER B 294 12.05 -2.83 22.04
N VAL B 295 12.38 -3.82 21.25
CA VAL B 295 13.60 -4.56 21.42
C VAL B 295 14.73 -3.82 20.71
N ASN B 296 15.85 -3.67 21.37
CA ASN B 296 16.94 -2.85 20.85
C ASN B 296 17.93 -3.78 20.17
N VAL B 297 17.86 -3.88 18.84
CA VAL B 297 18.74 -4.81 18.16
C VAL B 297 20.15 -4.24 17.99
N GLN B 298 20.32 -2.94 18.17
CA GLN B 298 21.66 -2.35 18.12
C GLN B 298 22.55 -2.90 19.22
N LEU B 299 22.01 -3.01 20.44
CA LEU B 299 22.82 -3.50 21.56
C LEU B 299 23.26 -4.93 21.30
N THR B 300 22.38 -5.74 20.75
CA THR B 300 22.76 -7.15 20.54
C THR B 300 23.78 -7.28 19.41
N MET B 301 23.70 -6.44 18.37
CA MET B 301 24.70 -6.51 17.32
C MET B 301 26.02 -5.96 17.82
N GLU B 302 25.99 -4.87 18.58
CA GLU B 302 27.21 -4.35 19.20
C GLU B 302 27.88 -5.41 20.06
N ALA B 303 27.10 -6.11 20.88
CA ALA B 303 27.65 -7.20 21.68
C ALA B 303 28.36 -8.22 20.84
N LEU B 304 28.17 -8.21 19.51
CA LEU B 304 28.79 -9.17 18.62
C LEU B 304 29.72 -8.46 17.63
N GLY B 305 30.08 -7.22 17.92
CA GLY B 305 31.08 -6.53 17.15
C GLY B 305 30.58 -5.87 15.88
N GLY B 306 29.30 -5.53 15.82
CA GLY B 306 28.66 -4.79 14.75
C GLY B 306 27.97 -3.56 15.31
N GLY B 307 26.83 -3.23 14.73
CA GLY B 307 26.10 -2.05 15.19
C GLY B 307 25.13 -1.54 14.13
N GLY B 308 24.62 -0.35 14.36
CA GLY B 308 23.63 0.24 13.50
C GLY B 308 22.71 1.02 14.42
N HIS B 309 21.40 0.88 14.25
CA HIS B 309 20.45 1.70 14.98
C HIS B 309 19.50 0.81 15.74
N LEU B 310 18.62 1.46 16.51
CA LEU B 310 17.80 0.74 17.46
C LEU B 310 16.94 -0.32 16.76
N THR B 311 16.38 0.03 15.60
CA THR B 311 15.48 -0.85 14.86
C THR B 311 16.12 -1.57 13.68
N ASN B 312 17.40 -1.37 13.43
CA ASN B 312 18.05 -1.79 12.20
C ASN B 312 19.55 -1.90 12.40
N ALA B 313 20.07 -3.10 12.57
CA ALA B 313 21.52 -3.25 12.76
C ALA B 313 22.03 -4.57 12.18
N ALA B 314 23.34 -4.75 12.21
CA ALA B 314 23.95 -5.90 11.57
C ALA B 314 25.33 -6.16 12.18
N THR B 315 25.82 -7.40 11.99
CA THR B 315 27.18 -7.75 12.32
C THR B 315 27.69 -8.74 11.28
N GLN B 316 29.02 -8.85 11.20
CA GLN B 316 29.70 -9.86 10.41
C GLN B 316 30.61 -10.65 11.35
N LEU B 317 30.52 -11.97 11.32
CA LEU B 317 31.28 -12.82 12.27
C LEU B 317 32.32 -13.65 11.52
N LYS B 318 33.61 -13.31 11.69
CA LYS B 318 34.68 -14.12 11.07
C LYS B 318 34.81 -15.52 11.69
N GLY B 319 35.12 -16.49 10.83
CA GLY B 319 35.64 -17.78 11.27
C GLY B 319 34.69 -18.73 11.96
N VAL B 320 33.39 -18.49 11.90
CA VAL B 320 32.41 -19.37 12.53
C VAL B 320 31.49 -20.01 11.48
N THR B 321 30.92 -21.17 11.84
CA THR B 321 29.81 -21.73 11.06
C THR B 321 28.47 -21.00 11.36
N VAL B 322 27.40 -21.37 10.64
CA VAL B 322 26.10 -20.71 10.86
C VAL B 322 25.55 -21.10 12.24
N GLU B 323 25.66 -22.38 12.54
CA GLU B 323 25.40 -22.99 13.84
C GLU B 323 26.03 -22.26 15.02
N GLU B 324 27.33 -22.05 14.96
CA GLU B 324 28.06 -21.31 15.97
C GLU B 324 27.62 -19.86 16.01
N ALA B 325 27.42 -19.27 14.85
CA ALA B 325 26.89 -17.90 14.84
C ALA B 325 25.55 -17.82 15.58
N ILE B 326 24.65 -18.79 15.35
CA ILE B 326 23.34 -18.80 15.97
C ILE B 326 23.49 -18.94 17.49
N ALA B 327 24.42 -19.82 17.93
CA ALA B 327 24.74 -19.99 19.34
C ALA B 327 25.23 -18.69 19.96
N GLN B 328 26.19 -18.00 19.30
CA GLN B 328 26.68 -16.77 19.89
C GLN B 328 25.61 -15.70 19.91
N LEU B 329 24.70 -15.70 18.93
CA LEU B 329 23.63 -14.73 18.94
C LEU B 329 22.68 -15.00 20.13
N GLN B 330 22.27 -16.26 20.32
CA GLN B 330 21.34 -16.59 21.43
C GLN B 330 21.92 -16.16 22.78
N GLN B 331 23.22 -16.36 22.95
CA GLN B 331 23.96 -15.87 24.11
C GLN B 331 23.81 -14.38 24.25
N ALA B 332 24.09 -13.63 23.20
CA ALA B 332 23.99 -12.18 23.28
C ALA B 332 22.57 -11.76 23.64
N ILE B 333 21.59 -12.51 23.15
CA ILE B 333 20.19 -12.12 23.38
C ILE B 333 19.82 -12.37 24.84
N THR B 334 20.08 -13.57 25.31
CA THR B 334 19.95 -13.83 26.72
C THR B 334 20.66 -12.79 27.57
N GLU B 335 21.92 -12.57 27.36
CA GLU B 335 22.57 -11.53 28.10
C GLU B 335 21.75 -10.27 28.15
N GLN B 336 21.48 -9.69 27.00
CA GLN B 336 20.73 -8.45 26.94
C GLN B 336 19.40 -8.54 27.69
N LEU B 337 18.73 -9.69 27.61
CA LEU B 337 17.37 -9.79 28.14
C LEU B 337 17.36 -9.90 29.67
N SER B 338 18.35 -10.60 30.23
CA SER B 338 18.57 -10.56 31.66
C SER B 338 19.26 -9.25 32.10
N ARG B 339 19.42 -8.37 31.12
CA ARG B 339 19.98 -7.04 31.29
C ARG B 339 21.48 -7.04 31.49
MN MN C . -16.85 -2.91 2.02
MN MN D . -17.52 -5.85 3.92
MN MN E . 12.86 11.30 -2.41
MN MN F . 15.71 9.73 -3.98
#